data_7A6Y
#
_entry.id   7A6Y
#
_cell.length_a   205.502
_cell.length_b   205.502
_cell.length_c   74.274
_cell.angle_alpha   90.000
_cell.angle_beta   90.000
_cell.angle_gamma   120.000
#
_symmetry.space_group_name_H-M   'H 3'
#
loop_
_entity.id
_entity.type
_entity.pdbx_description
1 polymer '14-3-3 protein gamma'
2 polymer 'DAPK2 C-terminal peptide'
3 non-polymer FUSICOCCIN
4 water water
#
loop_
_entity_poly.entity_id
_entity_poly.type
_entity_poly.pdbx_seq_one_letter_code
_entity_poly.pdbx_strand_id
1 'polypeptide(L)'
;GHMVDREQLVQKARLAEQAERYDDMAAAMKNVTELNEPLSNEERNLLSVAYKNVVGARRSSWRVISSIEQKTSADGNEKK
IEMVRAYREKIEKELEAVCQDVLSLLDNYLIKNCSETQYESKVFYLKMKGDYYRYLAEVATGEKRATVVESSEKAYSEAH
EISKEHMQPTHPIRLGLALNYSVFYYEIQNAPEQACHLAKTAFDDAIAELDTLNEDSYKDSTLIMQLLRDNLTLWT
;
A,B,C,D
2 'polypeptide(L)' RRRSS(TPO)S J,K,L,M
#
loop_
_chem_comp.id
_chem_comp.type
_chem_comp.name
_chem_comp.formula
FSC non-polymer FUSICOCCIN 'C36 H56 O12'
#
# COMPACT_ATOMS: atom_id res chain seq x y z
N VAL A 4 16.73 -19.71 -5.21
CA VAL A 4 16.38 -19.17 -6.52
C VAL A 4 17.28 -17.99 -6.88
N ASP A 5 17.57 -17.84 -8.16
CA ASP A 5 18.39 -16.73 -8.61
C ASP A 5 17.65 -15.40 -8.46
N ARG A 6 18.40 -14.31 -8.53
CA ARG A 6 17.81 -12.98 -8.38
C ARG A 6 16.76 -12.71 -9.46
N GLU A 7 17.05 -13.12 -10.69
CA GLU A 7 16.08 -12.96 -11.77
C GLU A 7 14.80 -13.74 -11.45
N GLN A 8 14.94 -14.90 -10.84
CA GLN A 8 13.75 -15.68 -10.45
C GLN A 8 12.94 -14.95 -9.39
N LEU A 9 13.62 -14.29 -8.44
CA LEU A 9 12.90 -13.52 -7.43
C LEU A 9 12.16 -12.33 -8.05
N VAL A 10 12.79 -11.66 -9.01
CA VAL A 10 12.11 -10.55 -9.69
C VAL A 10 10.92 -11.06 -10.48
N GLN A 11 11.07 -12.22 -11.12
CA GLN A 11 9.95 -12.83 -11.84
C GLN A 11 8.84 -13.20 -10.88
N LYS A 12 9.18 -13.65 -9.67
CA LYS A 12 8.16 -13.97 -8.68
C LYS A 12 7.43 -12.71 -8.22
N ALA A 13 8.16 -11.60 -8.07
CA ALA A 13 7.51 -10.34 -7.75
C ALA A 13 6.52 -9.93 -8.83
N ARG A 14 6.93 -10.04 -10.10
CA ARG A 14 6.01 -9.71 -11.19
C ARG A 14 4.82 -10.67 -11.23
N LEU A 15 5.07 -11.95 -10.96
CA LEU A 15 3.98 -12.94 -10.89
C LEU A 15 2.97 -12.55 -9.82
N ALA A 16 3.46 -12.23 -8.62
CA ALA A 16 2.57 -11.86 -7.53
C ALA A 16 1.80 -10.59 -7.87
N GLU A 17 2.44 -9.63 -8.54
CA GLU A 17 1.72 -8.44 -8.97
C GLU A 17 0.61 -8.81 -9.96
N GLN A 18 0.88 -9.76 -10.86
CA GLN A 18 -0.15 -10.21 -11.79
C GLN A 18 -1.31 -10.86 -11.05
N ALA A 19 -1.01 -11.65 -10.02
CA ALA A 19 -2.04 -12.34 -9.25
C ALA A 19 -2.66 -11.46 -8.17
N GLU A 20 -2.25 -10.20 -8.07
CA GLU A 20 -2.75 -9.27 -7.05
C GLU A 20 -2.54 -9.82 -5.65
N ARG A 21 -1.37 -10.45 -5.43
CA ARG A 21 -0.95 -10.89 -4.11
C ARG A 21 0.25 -10.03 -3.74
N TYR A 22 -0.04 -8.85 -3.19
CA TYR A 22 1.01 -7.86 -2.97
C TYR A 22 1.87 -8.18 -1.76
N ASP A 23 1.37 -8.99 -0.82
CA ASP A 23 2.22 -9.47 0.25
C ASP A 23 3.38 -10.28 -0.30
N ASP A 24 3.09 -11.22 -1.21
CA ASP A 24 4.14 -12.03 -1.81
C ASP A 24 5.08 -11.18 -2.65
N MET A 25 4.53 -10.19 -3.37
CA MET A 25 5.37 -9.28 -4.15
C MET A 25 6.35 -8.54 -3.26
N ALA A 26 5.85 -7.99 -2.14
CA ALA A 26 6.71 -7.28 -1.21
C ALA A 26 7.75 -8.21 -0.59
N ALA A 27 7.38 -9.46 -0.30
CA ALA A 27 8.34 -10.39 0.27
C ALA A 27 9.45 -10.73 -0.72
N ALA A 28 9.09 -10.94 -1.99
CA ALA A 28 10.09 -11.23 -3.02
C ALA A 28 11.04 -10.05 -3.20
N MET A 29 10.49 -8.84 -3.29
CA MET A 29 11.35 -7.68 -3.43
C MET A 29 12.19 -7.44 -2.19
N LYS A 30 11.69 -7.83 -1.01
CA LYS A 30 12.47 -7.74 0.21
C LYS A 30 13.65 -8.71 0.18
N ASN A 31 13.44 -9.92 -0.35
CA ASN A 31 14.55 -10.84 -0.53
C ASN A 31 15.59 -10.26 -1.49
N VAL A 32 15.13 -9.71 -2.61
CA VAL A 32 16.04 -9.06 -3.56
C VAL A 32 16.85 -7.98 -2.87
N THR A 33 16.19 -7.18 -2.03
CA THR A 33 16.90 -6.13 -1.28
C THR A 33 17.91 -6.75 -0.32
N GLU A 34 17.53 -7.85 0.34
CA GLU A 34 18.41 -8.50 1.31
C GLU A 34 19.60 -9.18 0.66
N LEU A 35 19.59 -9.35 -0.66
CA LEU A 35 20.81 -9.80 -1.33
C LEU A 35 21.95 -8.79 -1.23
N ASN A 36 21.71 -7.61 -0.66
CA ASN A 36 22.75 -6.62 -0.35
C ASN A 36 23.44 -6.10 -1.61
N GLU A 37 22.67 -5.95 -2.69
CA GLU A 37 23.16 -5.36 -3.92
C GLU A 37 22.24 -4.20 -4.30
N PRO A 38 22.78 -3.17 -4.96
CA PRO A 38 21.93 -2.04 -5.37
C PRO A 38 20.83 -2.50 -6.31
N LEU A 39 19.70 -1.79 -6.24
CA LEU A 39 18.52 -2.14 -7.00
C LEU A 39 18.46 -1.35 -8.30
N SER A 40 18.00 -2.00 -9.36
CA SER A 40 17.84 -1.33 -10.65
C SER A 40 16.64 -0.39 -10.60
N ASN A 41 16.41 0.32 -11.70
CA ASN A 41 15.26 1.20 -11.80
C ASN A 41 13.97 0.42 -11.67
N GLU A 42 13.82 -0.66 -12.45
CA GLU A 42 12.63 -1.48 -12.38
C GLU A 42 12.50 -2.17 -11.03
N GLU A 43 13.62 -2.59 -10.44
CA GLU A 43 13.57 -3.22 -9.13
C GLU A 43 13.14 -2.23 -8.05
N ARG A 44 13.66 -1.00 -8.12
CA ARG A 44 13.22 0.05 -7.21
C ARG A 44 11.73 0.29 -7.34
N ASN A 45 11.25 0.41 -8.58
CA ASN A 45 9.82 0.65 -8.79
C ASN A 45 8.97 -0.51 -8.28
N LEU A 46 9.45 -1.74 -8.49
CA LEU A 46 8.70 -2.91 -8.02
C LEU A 46 8.60 -2.91 -6.51
N LEU A 47 9.72 -2.68 -5.82
CA LEU A 47 9.71 -2.62 -4.36
C LEU A 47 8.76 -1.53 -3.87
N SER A 48 8.86 -0.34 -4.46
CA SER A 48 8.02 0.77 -4.04
C SER A 48 6.54 0.45 -4.22
N VAL A 49 6.16 -0.04 -5.40
CA VAL A 49 4.75 -0.34 -5.67
C VAL A 49 4.25 -1.44 -4.77
N ALA A 50 5.06 -2.50 -4.58
CA ALA A 50 4.64 -3.62 -3.74
C ALA A 50 4.33 -3.17 -2.32
N TYR A 51 5.29 -2.50 -1.69
CA TYR A 51 5.06 -2.09 -0.31
C TYR A 51 4.02 -0.99 -0.21
N LYS A 52 3.89 -0.16 -1.24
CA LYS A 52 2.84 0.86 -1.26
C LYS A 52 1.46 0.22 -1.24
N ASN A 53 1.24 -0.81 -2.06
CA ASN A 53 -0.05 -1.50 -2.05
C ASN A 53 -0.26 -2.24 -0.74
N VAL A 54 0.79 -2.89 -0.23
CA VAL A 54 0.68 -3.64 1.03
C VAL A 54 0.21 -2.71 2.15
N VAL A 55 0.89 -1.57 2.32
CA VAL A 55 0.52 -0.65 3.39
C VAL A 55 -0.75 0.12 3.07
N GLY A 56 -1.12 0.26 1.79
CA GLY A 56 -2.33 0.98 1.46
C GLY A 56 -3.58 0.19 1.80
N ALA A 57 -3.52 -1.14 1.60
CA ALA A 57 -4.62 -1.97 2.07
C ALA A 57 -4.88 -1.75 3.56
N ARG A 58 -3.81 -1.73 4.36
CA ARG A 58 -3.95 -1.53 5.80
C ARG A 58 -4.42 -0.12 6.13
N ARG A 59 -3.92 0.88 5.41
CA ARG A 59 -4.36 2.25 5.68
C ARG A 59 -5.85 2.42 5.39
N SER A 60 -6.32 1.84 4.28
CA SER A 60 -7.74 1.96 3.95
C SER A 60 -8.60 1.19 4.94
N SER A 61 -8.17 -0.01 5.34
CA SER A 61 -8.90 -0.74 6.38
C SER A 61 -8.95 0.05 7.68
N TRP A 62 -7.84 0.65 8.06
CA TRP A 62 -7.78 1.43 9.29
C TRP A 62 -8.71 2.63 9.22
N ARG A 63 -8.76 3.31 8.07
CA ARG A 63 -9.65 4.45 7.92
C ARG A 63 -11.11 4.01 8.03
N VAL A 64 -11.46 2.91 7.36
CA VAL A 64 -12.83 2.39 7.44
C VAL A 64 -13.22 2.11 8.89
N ILE A 65 -12.37 1.38 9.61
CA ILE A 65 -12.76 0.96 10.96
C ILE A 65 -12.70 2.14 11.93
N SER A 66 -11.77 3.07 11.76
CA SER A 66 -11.72 4.25 12.62
C SER A 66 -12.94 5.13 12.40
N SER A 67 -13.43 5.21 11.15
CA SER A 67 -14.66 5.95 10.90
C SER A 67 -15.86 5.27 11.55
N ILE A 68 -15.95 3.94 11.41
CA ILE A 68 -17.04 3.21 12.06
C ILE A 68 -16.96 3.35 13.57
N GLU A 69 -15.75 3.43 14.13
CA GLU A 69 -15.57 3.54 15.56
C GLU A 69 -16.22 4.80 16.12
N GLN A 70 -15.96 5.94 15.46
CA GLN A 70 -16.57 7.19 15.89
C GLN A 70 -18.04 7.30 15.48
N LYS A 71 -18.45 6.59 14.43
CA LYS A 71 -19.84 6.63 14.01
C LYS A 71 -20.76 5.79 14.88
N THR A 72 -20.20 5.03 15.82
CA THR A 72 -21.00 4.14 16.67
C THR A 72 -20.91 4.54 18.13
N GLY A 76 -24.37 3.54 22.75
CA GLY A 76 -24.24 3.25 24.16
C GLY A 76 -23.72 1.85 24.44
N ASN A 77 -23.59 1.04 23.39
CA ASN A 77 -23.12 -0.32 23.55
C ASN A 77 -21.63 -0.33 23.82
N GLU A 78 -21.23 -0.82 25.00
CA GLU A 78 -19.82 -0.85 25.36
C GLU A 78 -19.10 -2.05 24.77
N LYS A 79 -19.77 -3.19 24.64
CA LYS A 79 -19.13 -4.38 24.08
C LYS A 79 -18.86 -4.21 22.59
N LYS A 80 -19.81 -3.62 21.86
CA LYS A 80 -19.61 -3.30 20.45
C LYS A 80 -18.39 -2.40 20.27
N ILE A 81 -18.31 -1.32 21.07
CA ILE A 81 -17.20 -0.39 20.96
C ILE A 81 -15.89 -1.07 21.33
N GLU A 82 -15.92 -1.96 22.32
CA GLU A 82 -14.71 -2.68 22.72
C GLU A 82 -14.19 -3.54 21.57
N MET A 83 -15.09 -4.29 20.92
CA MET A 83 -14.68 -5.09 19.77
C MET A 83 -14.15 -4.22 18.64
N VAL A 84 -14.83 -3.10 18.37
CA VAL A 84 -14.40 -2.22 17.29
C VAL A 84 -13.00 -1.68 17.56
N ARG A 85 -12.74 -1.27 18.80
CA ARG A 85 -11.42 -0.75 19.14
C ARG A 85 -10.36 -1.83 19.06
N ALA A 86 -10.70 -3.05 19.51
CA ALA A 86 -9.75 -4.16 19.42
C ALA A 86 -9.35 -4.42 17.97
N TYR A 87 -10.33 -4.46 17.07
CA TYR A 87 -10.03 -4.65 15.65
C TYR A 87 -9.22 -3.49 15.10
N ARG A 88 -9.58 -2.25 15.49
CA ARG A 88 -8.89 -1.07 15.03
C ARG A 88 -7.40 -1.15 15.38
N GLU A 89 -7.07 -1.51 16.62
CA GLU A 89 -5.66 -1.54 16.97
C GLU A 89 -4.96 -2.82 16.50
N LYS A 90 -5.68 -3.90 16.26
CA LYS A 90 -5.10 -5.03 15.54
C LYS A 90 -4.58 -4.60 14.19
N ILE A 91 -5.40 -3.88 13.43
CA ILE A 91 -4.97 -3.41 12.12
C ILE A 91 -3.93 -2.30 12.26
N GLU A 92 -4.01 -1.49 13.32
CA GLU A 92 -2.96 -0.52 13.62
C GLU A 92 -1.61 -1.20 13.73
N LYS A 93 -1.53 -2.26 14.53
CA LYS A 93 -0.27 -2.97 14.74
C LYS A 93 0.20 -3.62 13.44
N GLU A 94 -0.72 -4.18 12.66
CA GLU A 94 -0.35 -4.74 11.37
C GLU A 94 0.31 -3.70 10.47
N LEU A 95 -0.32 -2.52 10.36
CA LEU A 95 0.21 -1.45 9.53
C LEU A 95 1.55 -0.95 10.05
N GLU A 96 1.67 -0.79 11.37
CA GLU A 96 2.92 -0.33 11.96
C GLU A 96 4.04 -1.34 11.71
N ALA A 97 3.72 -2.64 11.74
CA ALA A 97 4.74 -3.65 11.44
C ALA A 97 5.19 -3.56 9.99
N VAL A 98 4.25 -3.34 9.06
CA VAL A 98 4.63 -3.13 7.66
C VAL A 98 5.59 -1.95 7.54
N CYS A 99 5.23 -0.83 8.19
CA CYS A 99 6.08 0.36 8.12
C CYS A 99 7.46 0.12 8.73
N GLN A 100 7.51 -0.59 9.87
CA GLN A 100 8.79 -0.88 10.50
C GLN A 100 9.66 -1.75 9.60
N ASP A 101 9.04 -2.76 8.96
CA ASP A 101 9.77 -3.59 8.01
C ASP A 101 10.38 -2.75 6.90
N VAL A 102 9.56 -1.87 6.30
CA VAL A 102 10.05 -1.03 5.20
C VAL A 102 11.18 -0.14 5.67
N LEU A 103 11.02 0.49 6.84
CA LEU A 103 12.02 1.44 7.32
C LEU A 103 13.34 0.76 7.65
N SER A 104 13.27 -0.46 8.21
CA SER A 104 14.51 -1.17 8.49
C SER A 104 15.17 -1.63 7.20
N LEU A 105 14.39 -1.99 6.18
CA LEU A 105 14.96 -2.28 4.87
C LEU A 105 15.65 -1.05 4.30
N LEU A 106 15.04 0.13 4.50
CA LEU A 106 15.61 1.36 3.96
C LEU A 106 16.92 1.71 4.66
N ASP A 107 16.97 1.56 5.99
CA ASP A 107 18.15 1.98 6.73
C ASP A 107 19.27 0.95 6.68
N ASN A 108 18.95 -0.33 6.53
CA ASN A 108 19.97 -1.36 6.57
C ASN A 108 20.56 -1.71 5.21
N TYR A 109 19.77 -1.61 4.13
CA TYR A 109 20.24 -2.00 2.80
C TYR A 109 20.24 -0.86 1.79
N LEU A 110 19.11 -0.19 1.61
CA LEU A 110 18.91 0.63 0.41
C LEU A 110 19.61 1.98 0.52
N ILE A 111 19.31 2.75 1.57
CA ILE A 111 19.98 4.03 1.75
C ILE A 111 21.46 3.82 2.02
N LYS A 112 21.80 2.75 2.76
CA LYS A 112 23.19 2.48 3.10
C LYS A 112 24.05 2.26 1.86
N ASN A 113 23.54 1.48 0.90
CA ASN A 113 24.31 1.14 -0.30
C ASN A 113 24.40 2.29 -1.30
N CYS A 114 23.66 3.37 -1.09
CA CYS A 114 23.73 4.51 -2.00
C CYS A 114 25.08 5.19 -1.88
N SER A 115 25.76 5.37 -3.01
CA SER A 115 27.01 6.11 -3.00
C SER A 115 26.74 7.59 -2.77
N GLU A 116 27.82 8.35 -2.62
CA GLU A 116 27.68 9.77 -2.33
C GLU A 116 27.04 10.55 -3.46
N THR A 117 27.02 10.00 -4.68
CA THR A 117 26.51 10.71 -5.84
C THR A 117 25.29 10.04 -6.47
N GLN A 118 24.74 9.00 -5.84
CA GLN A 118 23.49 8.39 -6.31
C GLN A 118 22.30 9.22 -5.86
N TYR A 119 22.29 10.48 -6.32
CA TYR A 119 21.30 11.45 -5.85
C TYR A 119 19.88 11.00 -6.14
N GLU A 120 19.65 10.40 -7.31
CA GLU A 120 18.29 10.03 -7.69
C GLU A 120 17.74 8.94 -6.78
N SER A 121 18.48 7.85 -6.60
CA SER A 121 17.99 6.77 -5.76
C SER A 121 18.03 7.13 -4.29
N LYS A 122 18.95 8.02 -3.88
CA LYS A 122 18.93 8.50 -2.50
C LYS A 122 17.68 9.32 -2.24
N VAL A 123 17.28 10.17 -3.19
CA VAL A 123 16.03 10.91 -3.04
C VAL A 123 14.85 9.96 -3.03
N PHE A 124 14.89 8.95 -3.90
CA PHE A 124 13.87 7.89 -3.93
C PHE A 124 13.70 7.26 -2.54
N TYR A 125 14.80 6.80 -1.96
CA TYR A 125 14.73 6.07 -0.69
C TYR A 125 14.38 7.00 0.47
N LEU A 126 14.87 8.25 0.45
CA LEU A 126 14.52 9.19 1.50
C LEU A 126 13.05 9.59 1.41
N LYS A 127 12.51 9.67 0.19
CA LYS A 127 11.07 9.89 0.05
C LYS A 127 10.29 8.70 0.60
N MET A 128 10.78 7.48 0.35
CA MET A 128 10.14 6.31 0.96
C MET A 128 10.18 6.39 2.48
N LYS A 129 11.31 6.81 3.04
CA LYS A 129 11.43 6.96 4.49
C LYS A 129 10.41 7.97 5.02
N GLY A 130 10.34 9.13 4.39
CA GLY A 130 9.34 10.12 4.79
C GLY A 130 7.93 9.60 4.65
N ASP A 131 7.66 8.83 3.59
CA ASP A 131 6.32 8.30 3.36
C ASP A 131 5.92 7.35 4.47
N TYR A 132 6.80 6.43 4.85
CA TYR A 132 6.41 5.43 5.82
C TYR A 132 6.44 5.97 7.25
N TYR A 133 7.28 6.96 7.53
CA TYR A 133 7.15 7.67 8.81
C TYR A 133 5.86 8.49 8.85
N ARG A 134 5.42 9.02 7.71
CA ARG A 134 4.14 9.71 7.66
C ARG A 134 2.98 8.74 7.88
N TYR A 135 3.11 7.51 7.35
CA TYR A 135 2.08 6.51 7.58
C TYR A 135 2.04 6.12 9.05
N LEU A 136 3.20 6.05 9.70
CA LEU A 136 3.22 5.87 11.15
C LEU A 136 2.54 7.04 11.87
N ALA A 137 2.80 8.27 11.41
CA ALA A 137 2.22 9.43 12.07
C ALA A 137 0.72 9.53 11.86
N GLU A 138 0.21 8.94 10.77
CA GLU A 138 -1.23 9.01 10.51
C GLU A 138 -2.03 8.34 11.62
N VAL A 139 -1.50 7.26 12.19
CA VAL A 139 -2.20 6.47 13.20
C VAL A 139 -1.62 6.66 14.58
N ALA A 140 -0.56 7.45 14.73
CA ALA A 140 0.01 7.69 16.04
C ALA A 140 -0.82 8.72 16.80
N THR A 141 -0.95 8.50 18.11
CA THR A 141 -1.69 9.41 18.98
C THR A 141 -0.86 9.68 20.23
N GLY A 142 -1.08 10.86 20.81
CA GLY A 142 -0.41 11.20 22.05
C GLY A 142 1.08 11.44 21.88
N GLU A 143 1.79 11.25 23.00
CA GLU A 143 3.22 11.59 23.08
C GLU A 143 4.03 10.89 22.01
N LYS A 144 3.63 9.68 21.59
CA LYS A 144 4.43 8.93 20.63
C LYS A 144 4.36 9.51 19.23
N ARG A 145 3.40 10.39 18.94
CA ARG A 145 3.29 10.94 17.59
C ARG A 145 4.47 11.82 17.24
N ALA A 146 4.86 12.72 18.16
CA ALA A 146 5.81 13.78 17.84
C ALA A 146 7.09 13.25 17.19
N THR A 147 7.55 12.06 17.61
CA THR A 147 8.80 11.55 17.06
C THR A 147 8.64 11.15 15.60
N VAL A 148 7.60 10.35 15.28
CA VAL A 148 7.50 9.84 13.92
C VAL A 148 7.30 10.99 12.94
N VAL A 149 6.40 11.91 13.27
CA VAL A 149 6.29 13.16 12.51
C VAL A 149 7.68 13.73 12.24
N GLU A 150 8.43 13.99 13.32
CA GLU A 150 9.77 14.54 13.18
C GLU A 150 10.58 13.75 12.15
N SER A 151 10.62 12.43 12.31
CA SER A 151 11.44 11.61 11.43
C SER A 151 11.03 11.81 9.99
N SER A 152 9.72 11.82 9.70
CA SER A 152 9.29 12.04 8.34
C SER A 152 9.79 13.40 7.83
N GLU A 153 9.59 14.46 8.61
CA GLU A 153 10.09 15.77 8.24
C GLU A 153 11.60 15.76 8.06
N LYS A 154 12.30 14.92 8.80
CA LYS A 154 13.75 14.85 8.64
C LYS A 154 14.11 14.17 7.33
N ALA A 155 13.33 13.20 6.88
CA ALA A 155 13.68 12.52 5.64
C ALA A 155 13.32 13.38 4.44
N TYR A 156 12.03 13.75 4.33
CA TYR A 156 11.56 14.59 3.24
C TYR A 156 12.49 15.77 3.01
N SER A 157 12.72 16.56 4.05
CA SER A 157 13.55 17.77 3.90
C SER A 157 14.90 17.43 3.30
N GLU A 158 15.56 16.38 3.80
CA GLU A 158 16.84 16.00 3.21
C GLU A 158 16.65 15.66 1.73
N ALA A 159 15.68 14.78 1.43
CA ALA A 159 15.37 14.46 0.04
C ALA A 159 15.08 15.71 -0.77
N HIS A 160 14.51 16.74 -0.12
CA HIS A 160 14.29 18.00 -0.80
C HIS A 160 15.63 18.62 -1.21
N GLU A 161 16.50 18.84 -0.23
CA GLU A 161 17.73 19.60 -0.49
C GLU A 161 18.57 18.93 -1.57
N ILE A 162 18.58 17.60 -1.62
CA ILE A 162 19.30 16.90 -2.66
C ILE A 162 18.64 17.15 -4.01
N SER A 163 17.32 16.91 -4.09
CA SER A 163 16.66 16.96 -5.39
C SER A 163 16.62 18.38 -5.95
N LYS A 164 16.57 19.39 -5.07
CA LYS A 164 16.62 20.77 -5.54
C LYS A 164 18.00 21.12 -6.10
N GLU A 165 19.04 20.43 -5.65
CA GLU A 165 20.40 20.78 -6.06
C GLU A 165 20.91 19.96 -7.24
N HIS A 166 20.46 18.71 -7.39
CA HIS A 166 21.07 17.80 -8.34
C HIS A 166 20.09 17.17 -9.32
N MET A 167 18.84 17.62 -9.36
CA MET A 167 17.85 16.99 -10.23
C MET A 167 17.01 18.05 -10.93
N GLN A 168 16.52 17.70 -12.11
CA GLN A 168 15.71 18.61 -12.90
C GLN A 168 14.32 18.76 -12.28
N PRO A 169 13.70 19.93 -12.41
CA PRO A 169 12.39 20.15 -11.78
C PRO A 169 11.27 19.27 -12.34
N THR A 170 11.40 18.81 -13.59
CA THR A 170 10.41 17.91 -14.18
C THR A 170 10.77 16.44 -14.02
N HIS A 171 11.79 16.11 -13.25
CA HIS A 171 12.08 14.72 -12.95
C HIS A 171 10.95 14.15 -12.11
N PRO A 172 10.40 12.98 -12.46
CA PRO A 172 9.25 12.46 -11.72
C PRO A 172 9.52 12.19 -10.25
N ILE A 173 10.76 11.85 -9.89
CA ILE A 173 11.07 11.59 -8.49
C ILE A 173 11.05 12.88 -7.68
N ARG A 174 11.63 13.95 -8.22
CA ARG A 174 11.58 15.25 -7.54
C ARG A 174 10.14 15.72 -7.40
N LEU A 175 9.34 15.57 -8.46
CA LEU A 175 7.94 16.00 -8.41
C LEU A 175 7.15 15.18 -7.40
N GLY A 176 7.34 13.87 -7.38
CA GLY A 176 6.63 13.04 -6.42
C GLY A 176 7.02 13.34 -4.99
N LEU A 177 8.31 13.57 -4.75
CA LEU A 177 8.74 13.97 -3.41
C LEU A 177 8.11 15.29 -3.02
N ALA A 178 8.06 16.25 -3.94
CA ALA A 178 7.41 17.53 -3.65
C ALA A 178 5.94 17.33 -3.32
N LEU A 179 5.26 16.44 -4.06
CA LEU A 179 3.85 16.17 -3.80
C LEU A 179 3.64 15.61 -2.41
N ASN A 180 4.39 14.56 -2.06
CA ASN A 180 4.20 13.93 -0.76
C ASN A 180 4.66 14.83 0.39
N TYR A 181 5.66 15.68 0.14
CA TYR A 181 6.11 16.65 1.14
C TYR A 181 5.05 17.71 1.38
N SER A 182 4.45 18.22 0.31
CA SER A 182 3.30 19.12 0.44
C SER A 182 2.19 18.47 1.24
N VAL A 183 1.89 17.20 0.95
CA VAL A 183 0.81 16.52 1.66
C VAL A 183 1.15 16.34 3.12
N PHE A 184 2.42 16.03 3.42
CA PHE A 184 2.83 15.91 4.81
C PHE A 184 2.67 17.23 5.55
N TYR A 185 2.99 18.35 4.89
CA TYR A 185 2.78 19.65 5.53
C TYR A 185 1.30 19.95 5.71
N TYR A 186 0.44 19.49 4.79
CA TYR A 186 -0.98 19.82 4.89
C TYR A 186 -1.68 18.99 5.96
N GLU A 187 -1.54 17.67 5.89
CA GLU A 187 -2.29 16.75 6.73
C GLU A 187 -1.65 16.53 8.09
N ILE A 188 -0.34 16.26 8.13
CA ILE A 188 0.30 15.91 9.38
C ILE A 188 0.66 17.16 10.20
N GLN A 189 0.95 18.28 9.54
CA GLN A 189 1.40 19.48 10.23
C GLN A 189 0.33 20.56 10.36
N ASN A 190 -0.76 20.46 9.61
CA ASN A 190 -1.79 21.50 9.56
C ASN A 190 -1.18 22.86 9.26
N ALA A 191 -0.21 22.87 8.34
CA ALA A 191 0.49 24.07 7.92
C ALA A 191 0.24 24.29 6.43
N PRO A 192 -0.97 24.75 6.06
CA PRO A 192 -1.30 24.86 4.63
C PRO A 192 -0.48 25.88 3.88
N GLU A 193 0.09 26.88 4.57
CA GLU A 193 0.88 27.88 3.87
C GLU A 193 2.11 27.25 3.21
N GLN A 194 2.92 26.54 3.99
CA GLN A 194 4.10 25.89 3.42
C GLN A 194 3.73 24.76 2.48
N ALA A 195 2.63 24.06 2.74
CA ALA A 195 2.18 23.01 1.83
C ALA A 195 1.88 23.59 0.45
N CYS A 196 1.07 24.65 0.41
CA CYS A 196 0.74 25.30 -0.85
C CYS A 196 1.97 25.92 -1.50
N HIS A 197 2.86 26.52 -0.70
CA HIS A 197 4.06 27.11 -1.28
C HIS A 197 4.94 26.05 -1.92
N LEU A 198 5.12 24.91 -1.23
CA LEU A 198 5.91 23.81 -1.77
C LEU A 198 5.32 23.29 -3.07
N ALA A 199 4.02 22.96 -3.04
CA ALA A 199 3.38 22.40 -4.23
C ALA A 199 3.40 23.40 -5.39
N LYS A 200 3.12 24.66 -5.11
CA LYS A 200 3.11 25.68 -6.16
C LYS A 200 4.51 25.91 -6.73
N THR A 201 5.53 25.95 -5.87
CA THR A 201 6.88 26.14 -6.36
C THR A 201 7.31 24.97 -7.24
N ALA A 202 7.03 23.74 -6.80
CA ALA A 202 7.40 22.59 -7.62
C ALA A 202 6.63 22.59 -8.94
N PHE A 203 5.33 22.86 -8.90
CA PHE A 203 4.52 22.87 -10.11
C PHE A 203 5.00 23.94 -11.09
N ASP A 204 5.29 25.14 -10.59
CA ASP A 204 5.72 26.23 -11.46
C ASP A 204 7.11 25.98 -12.00
N ASP A 205 8.02 25.43 -11.19
CA ASP A 205 9.35 25.10 -11.67
C ASP A 205 9.29 24.03 -12.74
N ALA A 206 8.34 23.09 -12.63
CA ALA A 206 8.19 22.07 -13.65
C ALA A 206 7.53 22.62 -14.92
N ILE A 207 6.59 23.56 -14.76
CA ILE A 207 5.97 24.18 -15.93
C ILE A 207 6.99 25.02 -16.70
N ALA A 208 7.87 25.72 -15.97
CA ALA A 208 8.84 26.61 -16.61
C ALA A 208 9.80 25.84 -17.50
N GLU A 209 10.04 24.56 -17.22
CA GLU A 209 10.91 23.73 -18.04
C GLU A 209 10.15 22.55 -18.64
N LEU A 210 8.89 22.77 -18.99
CA LEU A 210 8.06 21.70 -19.52
C LEU A 210 8.55 21.22 -20.89
N ASP A 211 9.23 22.08 -21.64
CA ASP A 211 9.68 21.73 -22.98
C ASP A 211 10.79 20.69 -22.98
N THR A 212 11.40 20.41 -21.82
CA THR A 212 12.52 19.47 -21.73
C THR A 212 12.09 18.09 -21.22
N LEU A 213 10.88 17.65 -21.59
CA LEU A 213 10.40 16.34 -21.16
C LEU A 213 10.61 15.29 -22.24
N TYR A 218 7.61 10.89 -20.02
CA TYR A 218 7.01 12.19 -19.72
C TYR A 218 5.65 12.03 -19.04
N LYS A 219 5.05 10.86 -19.20
CA LYS A 219 3.68 10.66 -18.72
C LYS A 219 3.63 10.66 -17.20
N ASP A 220 4.61 10.04 -16.54
CA ASP A 220 4.62 10.05 -15.08
C ASP A 220 4.83 11.45 -14.54
N SER A 221 5.69 12.25 -15.18
CA SER A 221 5.94 13.61 -14.73
C SER A 221 4.66 14.44 -14.75
N THR A 222 3.93 14.40 -15.87
CA THR A 222 2.70 15.20 -15.96
C THR A 222 1.58 14.61 -15.12
N LEU A 223 1.58 13.30 -14.88
CA LEU A 223 0.63 12.74 -13.93
C LEU A 223 0.86 13.31 -12.53
N ILE A 224 2.12 13.37 -12.10
CA ILE A 224 2.41 13.91 -10.78
C ILE A 224 2.13 15.42 -10.73
N MET A 225 2.37 16.11 -11.85
CA MET A 225 2.04 17.54 -11.90
C MET A 225 0.54 17.78 -11.78
N GLN A 226 -0.25 16.94 -12.44
CA GLN A 226 -1.70 17.04 -12.31
C GLN A 226 -2.14 16.74 -10.88
N LEU A 227 -1.48 15.78 -10.22
CA LEU A 227 -1.78 15.53 -8.81
C LEU A 227 -1.46 16.75 -7.96
N LEU A 228 -0.34 17.42 -8.25
CA LEU A 228 0.01 18.64 -7.53
C LEU A 228 -1.06 19.70 -7.69
N ARG A 229 -1.53 19.89 -8.93
CA ARG A 229 -2.56 20.92 -9.17
C ARG A 229 -3.89 20.53 -8.53
N ASP A 230 -4.22 19.24 -8.52
CA ASP A 230 -5.44 18.79 -7.84
C ASP A 230 -5.36 19.08 -6.35
N ASN A 231 -4.20 18.81 -5.74
CA ASN A 231 -4.05 19.12 -4.32
C ASN A 231 -4.13 20.62 -4.06
N LEU A 232 -3.51 21.43 -4.93
CA LEU A 232 -3.55 22.88 -4.74
C LEU A 232 -4.98 23.41 -4.88
N THR A 233 -5.76 22.83 -5.79
CA THR A 233 -7.15 23.23 -5.96
C THR A 233 -7.99 22.79 -4.75
N LEU A 234 -7.69 21.61 -4.21
CA LEU A 234 -8.41 21.14 -3.02
C LEU A 234 -8.11 21.99 -1.81
N TRP A 235 -6.88 22.49 -1.70
CA TRP A 235 -6.46 23.20 -0.49
C TRP A 235 -6.92 24.65 -0.47
N THR A 236 -7.14 25.26 -1.64
CA THR A 236 -7.55 26.66 -1.69
C THR A 236 -9.07 26.79 -1.79
N ASP B 5 -56.07 -5.43 -21.15
CA ASP B 5 -56.15 -4.86 -19.80
C ASP B 5 -54.75 -4.64 -19.21
N ARG B 6 -54.73 -4.24 -17.94
CA ARG B 6 -53.46 -3.90 -17.29
C ARG B 6 -52.59 -5.13 -17.07
N GLU B 7 -53.20 -6.22 -16.60
CA GLU B 7 -52.43 -7.42 -16.27
C GLU B 7 -51.70 -7.97 -17.49
N GLN B 8 -52.38 -8.02 -18.64
CA GLN B 8 -51.75 -8.53 -19.84
C GLN B 8 -50.65 -7.60 -20.36
N LEU B 9 -50.80 -6.28 -20.15
CA LEU B 9 -49.73 -5.36 -20.51
C LEU B 9 -48.50 -5.62 -19.64
N VAL B 10 -48.68 -5.80 -18.33
CA VAL B 10 -47.55 -6.11 -17.46
C VAL B 10 -46.90 -7.42 -17.86
N GLN B 11 -47.72 -8.42 -18.18
CA GLN B 11 -47.18 -9.72 -18.58
C GLN B 11 -46.43 -9.62 -19.91
N LYS B 12 -46.92 -8.78 -20.83
CA LYS B 12 -46.20 -8.56 -22.08
C LYS B 12 -44.87 -7.87 -21.83
N ALA B 13 -44.82 -6.96 -20.86
CA ALA B 13 -43.55 -6.35 -20.47
C ALA B 13 -42.58 -7.40 -19.95
N ARG B 14 -43.07 -8.31 -19.11
CA ARG B 14 -42.21 -9.40 -18.62
C ARG B 14 -41.73 -10.28 -19.77
N LEU B 15 -42.62 -10.59 -20.72
CA LEU B 15 -42.23 -11.32 -21.92
C LEU B 15 -41.09 -10.64 -22.64
N ALA B 16 -41.28 -9.35 -22.94
CA ALA B 16 -40.25 -8.61 -23.66
C ALA B 16 -38.94 -8.60 -22.89
N GLU B 17 -39.01 -8.54 -21.55
CA GLU B 17 -37.78 -8.60 -20.77
C GLU B 17 -37.06 -9.93 -20.97
N GLN B 18 -37.78 -11.05 -20.80
CA GLN B 18 -37.14 -12.34 -21.01
C GLN B 18 -36.68 -12.51 -22.45
N ALA B 19 -37.40 -11.91 -23.40
CA ALA B 19 -36.99 -11.92 -24.80
C ALA B 19 -35.89 -10.91 -25.12
N GLU B 20 -35.46 -10.12 -24.12
CA GLU B 20 -34.45 -9.09 -24.31
C GLU B 20 -34.84 -8.11 -25.41
N ARG B 21 -36.13 -7.83 -25.55
CA ARG B 21 -36.64 -6.80 -26.45
C ARG B 21 -37.12 -5.65 -25.57
N TYR B 22 -36.18 -4.77 -25.21
CA TYR B 22 -36.43 -3.79 -24.17
C TYR B 22 -37.24 -2.60 -24.67
N ASP B 23 -37.21 -2.32 -25.98
CA ASP B 23 -38.10 -1.31 -26.53
C ASP B 23 -39.56 -1.71 -26.37
N ASP B 24 -39.87 -2.98 -26.67
CA ASP B 24 -41.23 -3.48 -26.46
C ASP B 24 -41.61 -3.43 -24.99
N MET B 25 -40.67 -3.78 -24.11
CA MET B 25 -40.91 -3.72 -22.67
C MET B 25 -41.26 -2.30 -22.24
N ALA B 26 -40.49 -1.32 -22.73
CA ALA B 26 -40.75 0.07 -22.38
C ALA B 26 -42.08 0.53 -22.95
N ALA B 27 -42.45 0.07 -24.15
CA ALA B 27 -43.74 0.45 -24.71
C ALA B 27 -44.90 -0.12 -23.87
N ALA B 28 -44.78 -1.37 -23.44
CA ALA B 28 -45.82 -1.97 -22.61
C ALA B 28 -45.95 -1.23 -21.29
N MET B 29 -44.82 -0.96 -20.63
CA MET B 29 -44.90 -0.24 -19.36
C MET B 29 -45.36 1.20 -19.56
N LYS B 30 -45.11 1.78 -20.73
CA LYS B 30 -45.63 3.12 -21.02
C LYS B 30 -47.14 3.09 -21.16
N ASN B 31 -47.69 2.06 -21.80
CA ASN B 31 -49.14 1.90 -21.82
C ASN B 31 -49.69 1.76 -20.42
N VAL B 32 -49.05 0.91 -19.60
CA VAL B 32 -49.46 0.74 -18.21
C VAL B 32 -49.51 2.08 -17.49
N THR B 33 -48.45 2.88 -17.65
CA THR B 33 -48.41 4.20 -17.03
C THR B 33 -49.51 5.10 -17.56
N GLU B 34 -49.76 5.06 -18.87
CA GLU B 34 -50.79 5.89 -19.48
C GLU B 34 -52.19 5.49 -19.07
N LEU B 35 -52.37 4.32 -18.44
CA LEU B 35 -53.64 4.04 -17.77
C LEU B 35 -53.95 5.03 -16.66
N ASN B 36 -53.00 5.89 -16.27
CA ASN B 36 -53.22 7.03 -15.38
C ASN B 36 -53.60 6.60 -13.96
N GLU B 37 -52.98 5.52 -13.49
CA GLU B 37 -53.14 5.05 -12.12
C GLU B 37 -51.77 4.87 -11.49
N PRO B 38 -51.67 5.02 -10.17
CA PRO B 38 -50.35 4.87 -9.52
C PRO B 38 -49.79 3.47 -9.71
N LEU B 39 -48.51 3.40 -10.05
CA LEU B 39 -47.86 2.12 -10.28
C LEU B 39 -47.58 1.42 -8.97
N SER B 40 -47.69 0.10 -8.98
CA SER B 40 -47.17 -0.69 -7.89
C SER B 40 -45.65 -0.77 -7.98
N ASN B 41 -45.02 -1.21 -6.89
CA ASN B 41 -43.57 -1.27 -6.87
C ASN B 41 -43.03 -2.24 -7.92
N GLU B 42 -43.78 -3.31 -8.21
CA GLU B 42 -43.37 -4.23 -9.27
C GLU B 42 -43.47 -3.56 -10.64
N GLU B 43 -44.60 -2.89 -10.91
CA GLU B 43 -44.75 -2.18 -12.17
C GLU B 43 -43.75 -1.03 -12.28
N ARG B 44 -43.53 -0.31 -11.18
CA ARG B 44 -42.53 0.75 -11.17
C ARG B 44 -41.15 0.20 -11.51
N ASN B 45 -40.79 -0.95 -10.93
CA ASN B 45 -39.51 -1.56 -11.23
C ASN B 45 -39.42 -1.99 -12.69
N LEU B 46 -40.51 -2.54 -13.24
CA LEU B 46 -40.50 -2.96 -14.63
C LEU B 46 -40.28 -1.77 -15.56
N LEU B 47 -41.01 -0.68 -15.31
CA LEU B 47 -40.83 0.54 -16.11
C LEU B 47 -39.39 1.04 -16.02
N SER B 48 -38.85 1.10 -14.79
CA SER B 48 -37.50 1.60 -14.59
C SER B 48 -36.48 0.75 -15.33
N VAL B 49 -36.58 -0.58 -15.19
CA VAL B 49 -35.63 -1.48 -15.85
C VAL B 49 -35.72 -1.35 -17.36
N ALA B 50 -36.95 -1.32 -17.89
CA ALA B 50 -37.12 -1.21 -19.33
C ALA B 50 -36.45 0.06 -19.87
N TYR B 51 -36.78 1.21 -19.29
CA TYR B 51 -36.24 2.45 -19.84
C TYR B 51 -34.76 2.59 -19.52
N LYS B 52 -34.28 2.00 -18.43
CA LYS B 52 -32.85 2.01 -18.15
C LYS B 52 -32.09 1.26 -19.23
N ASN B 53 -32.57 0.07 -19.62
CA ASN B 53 -31.91 -0.66 -20.70
C ASN B 53 -32.00 0.11 -22.02
N VAL B 54 -33.17 0.67 -22.31
CA VAL B 54 -33.37 1.36 -23.59
C VAL B 54 -32.42 2.54 -23.72
N VAL B 55 -32.32 3.37 -22.68
CA VAL B 55 -31.43 4.51 -22.73
C VAL B 55 -29.97 4.11 -22.54
N GLY B 56 -29.69 2.97 -21.91
CA GLY B 56 -28.31 2.57 -21.69
C GLY B 56 -27.65 2.06 -22.95
N ALA B 57 -28.42 1.36 -23.80
CA ALA B 57 -27.88 0.98 -25.11
C ALA B 57 -27.40 2.22 -25.87
N ARG B 58 -28.23 3.28 -25.89
CA ARG B 58 -27.88 4.49 -26.61
C ARG B 58 -26.70 5.19 -25.95
N ARG B 59 -26.65 5.20 -24.61
CA ARG B 59 -25.53 5.84 -23.92
C ARG B 59 -24.21 5.13 -24.24
N SER B 60 -24.22 3.80 -24.19
CA SER B 60 -23.02 3.04 -24.50
C SER B 60 -22.56 3.28 -25.93
N SER B 61 -23.50 3.22 -26.89
CA SER B 61 -23.14 3.46 -28.28
C SER B 61 -22.60 4.87 -28.48
N TRP B 62 -23.23 5.86 -27.84
CA TRP B 62 -22.77 7.23 -27.97
C TRP B 62 -21.37 7.40 -27.42
N ARG B 63 -21.08 6.77 -26.28
CA ARG B 63 -19.75 6.89 -25.70
C ARG B 63 -18.71 6.22 -26.58
N VAL B 64 -19.06 5.08 -27.18
CA VAL B 64 -18.15 4.44 -28.14
C VAL B 64 -17.84 5.38 -29.29
N ILE B 65 -18.88 5.97 -29.89
CA ILE B 65 -18.67 6.83 -31.05
C ILE B 65 -17.91 8.09 -30.67
N SER B 66 -18.15 8.63 -29.48
CA SER B 66 -17.46 9.84 -29.05
C SER B 66 -15.99 9.58 -28.78
N SER B 67 -15.67 8.43 -28.15
CA SER B 67 -14.27 8.07 -27.98
C SER B 67 -13.61 7.79 -29.32
N ILE B 68 -14.39 7.36 -30.32
CA ILE B 68 -13.85 7.21 -31.66
C ILE B 68 -13.54 8.57 -32.27
N GLU B 69 -14.43 9.55 -32.08
CA GLU B 69 -14.22 10.88 -32.66
C GLU B 69 -12.96 11.53 -32.14
N GLN B 70 -12.59 11.28 -30.89
CA GLN B 70 -11.34 11.77 -30.32
C GLN B 70 -10.19 10.84 -30.64
N LYS B 71 -10.01 10.55 -31.93
CA LYS B 71 -8.96 9.65 -32.39
C LYS B 71 -8.65 9.88 -33.86
N ILE B 81 -13.39 12.51 -39.93
CA ILE B 81 -14.31 12.40 -38.81
C ILE B 81 -15.66 13.00 -39.16
N GLU B 82 -15.84 13.34 -40.45
CA GLU B 82 -17.09 13.97 -40.88
C GLU B 82 -18.28 13.05 -40.70
N MET B 83 -18.09 11.74 -40.90
CA MET B 83 -19.16 10.78 -40.73
C MET B 83 -19.31 10.33 -39.28
N VAL B 84 -18.21 10.29 -38.53
CA VAL B 84 -18.28 9.97 -37.11
C VAL B 84 -19.15 11.00 -36.39
N ARG B 85 -18.96 12.28 -36.71
CA ARG B 85 -19.76 13.32 -36.11
C ARG B 85 -21.25 13.09 -36.39
N ALA B 86 -21.60 12.85 -37.65
CA ALA B 86 -23.01 12.71 -38.02
C ALA B 86 -23.64 11.48 -37.36
N TYR B 87 -22.89 10.38 -37.29
CA TYR B 87 -23.41 9.18 -36.63
C TYR B 87 -23.61 9.44 -35.14
N ARG B 88 -22.67 10.14 -34.51
CA ARG B 88 -22.84 10.52 -33.11
C ARG B 88 -24.08 11.39 -32.93
N GLU B 89 -24.36 12.27 -33.91
CA GLU B 89 -25.55 13.11 -33.82
C GLU B 89 -26.83 12.28 -33.92
N LYS B 90 -26.83 11.28 -34.80
CA LYS B 90 -27.98 10.39 -34.91
C LYS B 90 -28.24 9.67 -33.58
N ILE B 91 -27.18 9.11 -32.98
CA ILE B 91 -27.33 8.44 -31.68
C ILE B 91 -27.77 9.44 -30.62
N GLU B 92 -27.25 10.67 -30.68
CA GLU B 92 -27.64 11.73 -29.76
C GLU B 92 -29.14 11.99 -29.81
N LYS B 93 -29.68 12.10 -31.02
CA LYS B 93 -31.09 12.43 -31.16
C LYS B 93 -31.96 11.26 -30.71
N GLU B 94 -31.52 10.02 -30.96
CA GLU B 94 -32.24 8.86 -30.42
C GLU B 94 -32.29 8.93 -28.89
N LEU B 95 -31.14 9.20 -28.27
CA LEU B 95 -31.07 9.30 -26.81
C LEU B 95 -31.97 10.40 -26.29
N GLU B 96 -31.94 11.58 -26.93
CA GLU B 96 -32.75 12.70 -26.49
C GLU B 96 -34.24 12.36 -26.60
N ALA B 97 -34.64 11.67 -27.66
CA ALA B 97 -36.04 11.27 -27.79
C ALA B 97 -36.45 10.32 -26.68
N VAL B 98 -35.60 9.34 -26.35
CA VAL B 98 -35.91 8.42 -25.26
C VAL B 98 -36.06 9.18 -23.95
N CYS B 99 -35.12 10.08 -23.65
CA CYS B 99 -35.19 10.83 -22.39
C CYS B 99 -36.42 11.73 -22.33
N GLN B 100 -36.79 12.37 -23.46
CA GLN B 100 -37.97 13.22 -23.44
C GLN B 100 -39.23 12.40 -23.23
N ASP B 101 -39.29 11.21 -23.83
CA ASP B 101 -40.38 10.27 -23.55
C ASP B 101 -40.48 10.01 -22.05
N VAL B 102 -39.36 9.61 -21.43
CA VAL B 102 -39.37 9.30 -20.00
C VAL B 102 -39.81 10.51 -19.18
N LEU B 103 -39.27 11.69 -19.51
CA LEU B 103 -39.54 12.87 -18.70
C LEU B 103 -40.99 13.32 -18.82
N SER B 104 -41.58 13.20 -20.02
CA SER B 104 -42.99 13.53 -20.14
C SER B 104 -43.85 12.51 -19.42
N LEU B 105 -43.43 11.25 -19.41
CA LEU B 105 -44.12 10.25 -18.59
C LEU B 105 -44.05 10.61 -17.12
N LEU B 106 -42.91 11.14 -16.68
CA LEU B 106 -42.75 11.49 -15.27
C LEU B 106 -43.59 12.70 -14.88
N ASP B 107 -43.60 13.72 -15.74
CA ASP B 107 -44.28 14.97 -15.43
C ASP B 107 -45.76 14.94 -15.78
N ASN B 108 -46.23 13.93 -16.52
CA ASN B 108 -47.63 13.84 -16.89
C ASN B 108 -48.40 12.75 -16.16
N TYR B 109 -47.75 11.65 -15.76
CA TYR B 109 -48.48 10.60 -15.06
C TYR B 109 -47.85 10.18 -13.74
N LEU B 110 -46.52 10.10 -13.66
CA LEU B 110 -45.89 9.40 -12.54
C LEU B 110 -45.79 10.28 -11.30
N ILE B 111 -45.36 11.53 -11.45
CA ILE B 111 -45.24 12.43 -10.31
C ILE B 111 -46.62 12.93 -9.88
N LYS B 112 -47.50 13.19 -10.85
CA LYS B 112 -48.82 13.73 -10.54
C LYS B 112 -49.67 12.72 -9.76
N ASN B 113 -49.53 11.44 -10.07
CA ASN B 113 -50.34 10.40 -9.45
C ASN B 113 -49.77 9.93 -8.11
N CYS B 114 -48.91 10.71 -7.49
CA CYS B 114 -48.37 10.37 -6.18
C CYS B 114 -49.20 11.06 -5.11
N SER B 115 -49.83 10.26 -4.25
CA SER B 115 -50.34 10.83 -3.02
C SER B 115 -49.16 11.30 -2.16
N GLU B 116 -49.45 12.09 -1.14
CA GLU B 116 -48.36 12.78 -0.47
C GLU B 116 -47.67 11.93 0.60
N THR B 117 -48.39 11.06 1.30
CA THR B 117 -47.69 10.08 2.12
C THR B 117 -46.87 9.10 1.28
N GLN B 118 -47.09 9.06 -0.04
CA GLN B 118 -46.28 8.26 -0.96
C GLN B 118 -44.94 8.95 -1.22
N TYR B 119 -44.19 9.16 -0.13
CA TYR B 119 -42.94 9.89 -0.24
C TYR B 119 -41.86 9.07 -0.94
N GLU B 120 -41.89 7.75 -0.77
CA GLU B 120 -40.92 6.90 -1.46
C GLU B 120 -41.07 7.00 -2.96
N SER B 121 -42.31 6.98 -3.46
CA SER B 121 -42.54 7.12 -4.90
C SER B 121 -42.15 8.51 -5.38
N LYS B 122 -42.38 9.54 -4.55
CA LYS B 122 -41.98 10.89 -4.92
C LYS B 122 -40.47 10.98 -5.10
N VAL B 123 -39.71 10.46 -4.12
CA VAL B 123 -38.26 10.48 -4.23
C VAL B 123 -37.79 9.67 -5.42
N PHE B 124 -38.40 8.49 -5.62
CA PHE B 124 -38.05 7.64 -6.76
C PHE B 124 -38.23 8.39 -8.08
N TYR B 125 -39.37 9.05 -8.25
CA TYR B 125 -39.67 9.67 -9.54
C TYR B 125 -38.89 10.96 -9.75
N LEU B 126 -38.66 11.74 -8.68
CA LEU B 126 -37.83 12.93 -8.83
C LEU B 126 -36.38 12.55 -9.10
N LYS B 127 -35.91 11.45 -8.49
CA LYS B 127 -34.58 10.93 -8.80
C LYS B 127 -34.50 10.46 -10.25
N MET B 128 -35.57 9.83 -10.74
CA MET B 128 -35.61 9.41 -12.15
C MET B 128 -35.57 10.61 -13.08
N LYS B 129 -36.31 11.67 -12.74
CA LYS B 129 -36.28 12.91 -13.51
C LYS B 129 -34.86 13.49 -13.56
N GLY B 130 -34.21 13.55 -12.40
CA GLY B 130 -32.82 13.99 -12.36
C GLY B 130 -31.92 13.11 -13.20
N ASP B 131 -32.12 11.78 -13.13
CA ASP B 131 -31.31 10.85 -13.90
C ASP B 131 -31.42 11.12 -15.40
N TYR B 132 -32.63 11.31 -15.89
CA TYR B 132 -32.79 11.44 -17.33
C TYR B 132 -32.41 12.83 -17.83
N TYR B 133 -32.59 13.87 -17.01
CA TYR B 133 -31.99 15.15 -17.38
C TYR B 133 -30.47 15.08 -17.36
N ARG B 134 -29.88 14.31 -16.45
CA ARG B 134 -28.44 14.09 -16.45
C ARG B 134 -28.00 13.38 -17.72
N TYR B 135 -28.75 12.38 -18.15
CA TYR B 135 -28.44 11.69 -19.41
C TYR B 135 -28.51 12.66 -20.58
N LEU B 136 -29.47 13.59 -20.55
CA LEU B 136 -29.49 14.65 -21.55
C LEU B 136 -28.24 15.52 -21.46
N ALA B 137 -27.76 15.78 -20.24
CA ALA B 137 -26.60 16.65 -20.08
C ALA B 137 -25.31 15.98 -20.53
N GLU B 138 -25.25 14.65 -20.51
CA GLU B 138 -24.04 13.94 -20.89
C GLU B 138 -23.64 14.20 -22.33
N VAL B 139 -24.57 14.63 -23.18
CA VAL B 139 -24.32 14.80 -24.60
C VAL B 139 -24.59 16.21 -25.08
N ALA B 140 -25.07 17.10 -24.22
CA ALA B 140 -25.42 18.46 -24.62
C ALA B 140 -24.24 19.41 -24.42
N THR B 141 -24.36 20.57 -25.06
CA THR B 141 -23.33 21.61 -24.97
C THR B 141 -24.00 22.97 -24.85
N GLY B 142 -23.26 23.93 -24.30
CA GLY B 142 -23.65 25.32 -24.31
C GLY B 142 -24.90 25.62 -23.47
N GLU B 143 -25.71 26.55 -23.99
CA GLU B 143 -26.92 26.96 -23.31
C GLU B 143 -27.85 25.78 -23.05
N LYS B 144 -27.94 24.86 -24.01
CA LYS B 144 -28.78 23.68 -23.85
C LYS B 144 -28.30 22.81 -22.69
N ARG B 145 -26.98 22.59 -22.60
CA ARG B 145 -26.43 21.81 -21.50
C ARG B 145 -26.67 22.49 -20.17
N ALA B 146 -26.52 23.82 -20.13
CA ALA B 146 -26.80 24.55 -18.89
C ALA B 146 -28.26 24.38 -18.49
N THR B 147 -29.17 24.43 -19.47
CA THR B 147 -30.59 24.23 -19.20
C THR B 147 -30.84 22.86 -18.56
N VAL B 148 -30.36 21.80 -19.21
CA VAL B 148 -30.65 20.47 -18.71
C VAL B 148 -29.92 20.20 -17.39
N VAL B 149 -28.77 20.84 -17.16
CA VAL B 149 -28.06 20.66 -15.90
C VAL B 149 -28.83 21.32 -14.77
N GLU B 150 -29.37 22.52 -15.00
CA GLU B 150 -30.22 23.16 -14.01
C GLU B 150 -31.44 22.29 -13.70
N SER B 151 -32.04 21.72 -14.75
CA SER B 151 -33.21 20.86 -14.53
C SER B 151 -32.87 19.64 -13.68
N SER B 152 -31.76 18.97 -14.01
CA SER B 152 -31.35 17.80 -13.24
C SER B 152 -31.06 18.17 -11.79
N GLU B 153 -30.38 19.31 -11.57
CA GLU B 153 -30.07 19.72 -10.20
C GLU B 153 -31.34 20.01 -9.41
N LYS B 154 -32.31 20.68 -10.03
CA LYS B 154 -33.56 20.99 -9.32
C LYS B 154 -34.32 19.72 -8.96
N ALA B 155 -34.38 18.76 -9.89
CA ALA B 155 -35.08 17.50 -9.60
C ALA B 155 -34.40 16.75 -8.47
N TYR B 156 -33.08 16.59 -8.56
CA TYR B 156 -32.32 15.93 -7.50
C TYR B 156 -32.50 16.65 -6.17
N SER B 157 -32.59 17.98 -6.20
CA SER B 157 -32.73 18.75 -4.96
C SER B 157 -34.08 18.51 -4.31
N GLU B 158 -35.16 18.54 -5.08
CA GLU B 158 -36.47 18.23 -4.52
C GLU B 158 -36.49 16.83 -3.93
N ALA B 159 -35.94 15.84 -4.65
CA ALA B 159 -35.88 14.49 -4.12
C ALA B 159 -35.09 14.44 -2.83
N HIS B 160 -33.97 15.17 -2.78
CA HIS B 160 -33.13 15.18 -1.59
C HIS B 160 -33.87 15.76 -0.39
N GLU B 161 -34.60 16.86 -0.61
CA GLU B 161 -35.36 17.47 0.48
C GLU B 161 -36.40 16.51 1.02
N ILE B 162 -37.18 15.90 0.11
CA ILE B 162 -38.23 14.97 0.55
C ILE B 162 -37.62 13.79 1.31
N SER B 163 -36.53 13.23 0.78
CA SER B 163 -35.95 12.03 1.38
C SER B 163 -35.31 12.34 2.73
N LYS B 164 -34.66 13.51 2.85
CA LYS B 164 -34.12 13.91 4.15
C LYS B 164 -35.23 14.12 5.16
N GLU B 165 -36.36 14.68 4.72
CA GLU B 165 -37.44 14.96 5.67
C GLU B 165 -38.12 13.68 6.15
N HIS B 166 -38.37 12.73 5.25
CA HIS B 166 -39.28 11.64 5.57
C HIS B 166 -38.65 10.26 5.69
N MET B 167 -37.47 10.04 5.11
CA MET B 167 -36.90 8.70 5.06
C MET B 167 -35.65 8.61 5.93
N GLN B 168 -35.44 7.43 6.50
CA GLN B 168 -34.26 7.19 7.31
C GLN B 168 -33.03 7.07 6.42
N PRO B 169 -31.84 7.38 6.95
CA PRO B 169 -30.63 7.31 6.11
C PRO B 169 -30.36 5.95 5.52
N THR B 170 -30.83 4.88 6.16
CA THR B 170 -30.63 3.53 5.66
C THR B 170 -31.65 3.14 4.59
N HIS B 171 -32.62 3.98 4.29
CA HIS B 171 -33.60 3.65 3.28
C HIS B 171 -32.90 3.53 1.92
N PRO B 172 -33.14 2.44 1.17
CA PRO B 172 -32.41 2.24 -0.08
C PRO B 172 -32.65 3.33 -1.12
N ILE B 173 -33.83 3.94 -1.13
CA ILE B 173 -34.10 4.97 -2.13
C ILE B 173 -33.35 6.25 -1.78
N ARG B 174 -33.23 6.58 -0.49
CA ARG B 174 -32.43 7.72 -0.09
C ARG B 174 -30.96 7.51 -0.47
N LEU B 175 -30.43 6.32 -0.21
CA LEU B 175 -29.04 6.04 -0.54
C LEU B 175 -28.80 6.03 -2.05
N GLY B 176 -29.76 5.50 -2.81
CA GLY B 176 -29.60 5.52 -4.26
C GLY B 176 -29.70 6.91 -4.85
N LEU B 177 -30.58 7.74 -4.29
CA LEU B 177 -30.63 9.14 -4.70
C LEU B 177 -29.32 9.83 -4.39
N ALA B 178 -28.74 9.56 -3.21
CA ALA B 178 -27.45 10.15 -2.88
C ALA B 178 -26.36 9.68 -3.84
N LEU B 179 -26.39 8.40 -4.21
CA LEU B 179 -25.42 7.86 -5.17
C LEU B 179 -25.50 8.59 -6.50
N ASN B 180 -26.70 8.62 -7.10
CA ASN B 180 -26.86 9.27 -8.39
C ASN B 180 -26.62 10.77 -8.31
N TYR B 181 -26.94 11.40 -7.19
CA TYR B 181 -26.75 12.84 -7.02
C TYR B 181 -25.27 13.19 -6.93
N SER B 182 -24.50 12.42 -6.15
CA SER B 182 -23.07 12.63 -6.10
C SER B 182 -22.42 12.35 -7.46
N VAL B 183 -22.93 11.35 -8.18
CA VAL B 183 -22.41 11.12 -9.54
C VAL B 183 -22.73 12.30 -10.44
N PHE B 184 -23.91 12.91 -10.26
CA PHE B 184 -24.22 14.13 -11.00
C PHE B 184 -23.21 15.23 -10.66
N TYR B 185 -22.82 15.32 -9.40
CA TYR B 185 -21.89 16.36 -8.99
C TYR B 185 -20.50 16.14 -9.57
N TYR B 186 -20.06 14.88 -9.67
CA TYR B 186 -18.72 14.62 -10.16
C TYR B 186 -18.65 14.58 -11.69
N GLU B 187 -19.50 13.77 -12.33
CA GLU B 187 -19.41 13.55 -13.76
C GLU B 187 -19.90 14.76 -14.55
N ILE B 188 -20.94 15.43 -14.06
CA ILE B 188 -21.58 16.52 -14.80
C ILE B 188 -21.09 17.89 -14.35
N GLN B 189 -21.11 18.15 -13.04
CA GLN B 189 -20.71 19.45 -12.53
C GLN B 189 -19.20 19.60 -12.36
N ASN B 190 -18.45 18.51 -12.45
CA ASN B 190 -16.99 18.52 -12.24
C ASN B 190 -16.66 19.14 -10.88
N ALA B 191 -17.40 18.71 -9.86
CA ALA B 191 -17.25 19.20 -8.49
C ALA B 191 -16.95 17.99 -7.60
N PRO B 192 -15.68 17.55 -7.55
CA PRO B 192 -15.38 16.33 -6.80
C PRO B 192 -15.53 16.47 -5.30
N GLU B 193 -15.33 17.68 -4.76
CA GLU B 193 -15.45 17.87 -3.32
C GLU B 193 -16.90 17.72 -2.87
N GLN B 194 -17.83 18.37 -3.58
CA GLN B 194 -19.24 18.24 -3.24
C GLN B 194 -19.74 16.82 -3.44
N ALA B 195 -19.31 16.16 -4.52
CA ALA B 195 -19.71 14.79 -4.78
C ALA B 195 -19.23 13.86 -3.68
N CYS B 196 -17.95 13.98 -3.30
CA CYS B 196 -17.42 13.17 -2.22
C CYS B 196 -18.13 13.46 -0.91
N HIS B 197 -18.44 14.73 -0.65
CA HIS B 197 -19.14 15.08 0.59
C HIS B 197 -20.50 14.42 0.66
N LEU B 198 -21.27 14.49 -0.43
CA LEU B 198 -22.61 13.90 -0.44
C LEU B 198 -22.53 12.38 -0.29
N ALA B 199 -21.68 11.74 -1.07
CA ALA B 199 -21.57 10.28 -1.02
C ALA B 199 -21.13 9.81 0.36
N LYS B 200 -20.12 10.48 0.94
CA LYS B 200 -19.62 10.08 2.24
C LYS B 200 -20.63 10.36 3.34
N THR B 201 -21.35 11.48 3.25
CA THR B 201 -22.39 11.77 4.23
C THR B 201 -23.45 10.68 4.23
N ALA B 202 -23.91 10.28 3.03
CA ALA B 202 -24.91 9.22 2.95
C ALA B 202 -24.37 7.91 3.51
N PHE B 203 -23.16 7.52 3.09
CA PHE B 203 -22.60 6.25 3.53
C PHE B 203 -22.40 6.23 5.04
N ASP B 204 -21.86 7.31 5.60
CA ASP B 204 -21.60 7.35 7.04
C ASP B 204 -22.89 7.43 7.85
N ASP B 205 -23.92 8.11 7.32
CA ASP B 205 -25.19 8.13 8.02
C ASP B 205 -25.86 6.76 7.98
N ALA B 206 -25.63 5.99 6.92
CA ALA B 206 -26.25 4.66 6.84
C ALA B 206 -25.48 3.62 7.64
N ILE B 207 -24.16 3.77 7.77
CA ILE B 207 -23.35 2.75 8.42
C ILE B 207 -23.69 2.59 9.89
N ALA B 208 -24.35 3.59 10.50
CA ALA B 208 -24.70 3.49 11.91
C ALA B 208 -25.71 2.38 12.17
N GLU B 209 -26.60 2.12 11.21
CA GLU B 209 -27.63 1.09 11.35
C GLU B 209 -27.37 -0.11 10.44
N LEU B 210 -26.09 -0.45 10.22
CA LEU B 210 -25.77 -1.66 9.48
C LEU B 210 -26.16 -2.91 10.25
N ASP B 211 -26.30 -2.81 11.58
CA ASP B 211 -26.59 -3.97 12.42
C ASP B 211 -28.05 -4.41 12.32
N THR B 212 -28.94 -3.55 11.85
CA THR B 212 -30.36 -3.84 11.86
C THR B 212 -30.77 -4.76 10.72
N LYS B 219 -30.71 -6.21 3.10
CA LYS B 219 -31.61 -5.43 2.25
C LYS B 219 -30.89 -4.96 1.01
N ASP B 220 -31.59 -4.21 0.15
CA ASP B 220 -30.95 -3.60 -1.01
C ASP B 220 -29.96 -2.52 -0.63
N SER B 221 -30.11 -1.93 0.57
CA SER B 221 -29.23 -0.85 1.01
C SER B 221 -27.77 -1.25 0.88
N THR B 222 -27.41 -2.44 1.36
CA THR B 222 -26.01 -2.88 1.34
C THR B 222 -25.44 -2.85 -0.06
N LEU B 223 -26.27 -3.08 -1.08
CA LEU B 223 -25.77 -2.97 -2.45
C LEU B 223 -25.46 -1.53 -2.81
N ILE B 224 -26.42 -0.62 -2.59
CA ILE B 224 -26.20 0.79 -2.90
C ILE B 224 -24.95 1.30 -2.19
N MET B 225 -24.86 1.04 -0.89
CA MET B 225 -23.69 1.44 -0.12
C MET B 225 -22.40 0.92 -0.76
N GLN B 226 -22.42 -0.34 -1.22
CA GLN B 226 -21.25 -0.89 -1.89
C GLN B 226 -20.86 -0.01 -3.08
N LEU B 227 -21.85 0.34 -3.91
CA LEU B 227 -21.60 1.28 -4.99
C LEU B 227 -21.05 2.59 -4.45
N LEU B 228 -21.67 3.11 -3.38
CA LEU B 228 -21.15 4.32 -2.73
C LEU B 228 -19.71 4.13 -2.29
N ARG B 229 -19.38 2.93 -1.78
CA ARG B 229 -18.01 2.66 -1.38
C ARG B 229 -17.08 2.58 -2.58
N ASP B 230 -17.59 2.09 -3.72
CA ASP B 230 -16.73 1.93 -4.89
C ASP B 230 -16.40 3.28 -5.52
N ASN B 231 -17.42 4.12 -5.72
CA ASN B 231 -17.19 5.44 -6.30
C ASN B 231 -16.22 6.25 -5.46
N LEU B 232 -16.41 6.25 -4.13
CA LEU B 232 -15.46 6.93 -3.26
C LEU B 232 -14.06 6.36 -3.41
N THR B 233 -13.94 5.06 -3.66
CA THR B 233 -12.63 4.49 -3.98
C THR B 233 -12.19 4.87 -5.39
N LEU B 234 -13.14 4.96 -6.32
CA LEU B 234 -12.80 5.37 -7.68
C LEU B 234 -12.34 6.82 -7.72
N TRP B 235 -13.01 7.69 -6.97
CA TRP B 235 -12.72 9.12 -7.01
C TRP B 235 -11.49 9.50 -6.21
N THR B 236 -10.85 8.54 -5.53
CA THR B 236 -9.66 8.81 -4.75
C THR B 236 -8.52 9.33 -5.62
N VAL C 4 -14.62 -13.62 24.19
CA VAL C 4 -15.40 -13.74 22.96
C VAL C 4 -16.89 -13.70 23.29
N ASP C 5 -17.69 -13.24 22.33
CA ASP C 5 -19.13 -13.15 22.50
C ASP C 5 -19.77 -13.18 21.11
N ARG C 6 -20.82 -13.99 20.96
CA ARG C 6 -21.33 -14.33 19.63
C ARG C 6 -21.78 -13.09 18.86
N GLU C 7 -22.53 -12.20 19.51
CA GLU C 7 -22.98 -10.99 18.84
C GLU C 7 -21.80 -10.14 18.39
N GLN C 8 -20.78 -10.02 19.24
CA GLN C 8 -19.59 -9.29 18.86
C GLN C 8 -18.81 -10.02 17.78
N LEU C 9 -18.89 -11.35 17.73
CA LEU C 9 -18.25 -12.08 16.64
C LEU C 9 -18.94 -11.80 15.31
N VAL C 10 -20.28 -11.72 15.31
CA VAL C 10 -20.99 -11.41 14.08
C VAL C 10 -20.70 -9.99 13.63
N GLN C 11 -20.68 -9.04 14.57
CA GLN C 11 -20.31 -7.67 14.20
C GLN C 11 -18.84 -7.59 13.80
N LYS C 12 -18.00 -8.48 14.30
CA LYS C 12 -16.61 -8.56 13.83
C LYS C 12 -16.55 -8.99 12.38
N ALA C 13 -17.36 -9.99 12.01
CA ALA C 13 -17.45 -10.38 10.60
C ALA C 13 -17.95 -9.22 9.74
N ARG C 14 -18.95 -8.49 10.24
CA ARG C 14 -19.46 -7.34 9.48
C ARG C 14 -18.39 -6.26 9.33
N LEU C 15 -17.63 -5.99 10.39
CA LEU C 15 -16.56 -5.01 10.32
C LEU C 15 -15.49 -5.45 9.34
N ALA C 16 -15.11 -6.72 9.39
CA ALA C 16 -14.13 -7.25 8.44
C ALA C 16 -14.62 -7.08 7.00
N GLU C 17 -15.90 -7.34 6.76
CA GLU C 17 -16.46 -7.12 5.43
C GLU C 17 -16.35 -5.65 5.02
N GLN C 18 -16.71 -4.75 5.92
CA GLN C 18 -16.62 -3.32 5.61
C GLN C 18 -15.18 -2.90 5.36
N ALA C 19 -14.22 -3.53 6.05
CA ALA C 19 -12.81 -3.23 5.87
C ALA C 19 -12.16 -4.01 4.74
N GLU C 20 -12.94 -4.81 4.01
CA GLU C 20 -12.44 -5.59 2.88
C GLU C 20 -11.33 -6.56 3.31
N ARG C 21 -11.50 -7.17 4.48
CA ARG C 21 -10.57 -8.16 5.02
C ARG C 21 -11.34 -9.45 5.20
N TYR C 22 -11.42 -10.24 4.13
CA TYR C 22 -12.30 -11.40 4.11
C TYR C 22 -11.70 -12.62 4.82
N ASP C 23 -10.38 -12.66 5.00
CA ASP C 23 -9.79 -13.69 5.85
C ASP C 23 -10.31 -13.58 7.28
N ASP C 24 -10.27 -12.37 7.83
CA ASP C 24 -10.79 -12.14 9.18
C ASP C 24 -12.29 -12.41 9.24
N MET C 25 -13.02 -12.01 8.20
CA MET C 25 -14.47 -12.27 8.15
C MET C 25 -14.75 -13.77 8.21
N ALA C 26 -14.01 -14.55 7.42
CA ALA C 26 -14.18 -16.00 7.43
C ALA C 26 -13.82 -16.59 8.79
N ALA C 27 -12.76 -16.06 9.42
CA ALA C 27 -12.39 -16.57 10.74
C ALA C 27 -13.49 -16.29 11.77
N ALA C 28 -14.06 -15.09 11.73
CA ALA C 28 -15.13 -14.74 12.66
C ALA C 28 -16.34 -15.65 12.46
N MET C 29 -16.75 -15.84 11.19
CA MET C 29 -17.91 -16.70 10.94
C MET C 29 -17.60 -18.16 11.27
N LYS C 30 -16.33 -18.58 11.14
CA LYS C 30 -15.97 -19.94 11.54
C LYS C 30 -16.09 -20.12 13.05
N ASN C 31 -15.67 -19.12 13.82
CA ASN C 31 -15.88 -19.17 15.26
C ASN C 31 -17.37 -19.25 15.60
N VAL C 32 -18.16 -18.39 14.95
CA VAL C 32 -19.61 -18.40 15.16
C VAL C 32 -20.18 -19.78 14.88
N THR C 33 -19.75 -20.41 13.79
CA THR C 33 -20.21 -21.75 13.45
C THR C 33 -19.77 -22.77 14.51
N GLU C 34 -18.52 -22.65 14.97
CA GLU C 34 -17.99 -23.58 15.96
C GLU C 34 -18.63 -23.41 17.33
N LEU C 35 -19.40 -22.34 17.55
CA LEU C 35 -20.22 -22.29 18.75
C LEU C 35 -21.32 -23.35 18.78
N ASN C 36 -21.46 -24.15 17.71
CA ASN C 36 -22.37 -25.29 17.63
C ASN C 36 -23.84 -24.89 17.71
N GLU C 37 -24.16 -23.64 17.44
CA GLU C 37 -25.55 -23.23 17.38
C GLU C 37 -25.94 -22.92 15.93
N PRO C 38 -27.21 -23.13 15.55
CA PRO C 38 -27.60 -22.95 14.16
C PRO C 38 -27.42 -21.51 13.70
N LEU C 39 -27.13 -21.35 12.42
CA LEU C 39 -26.92 -20.04 11.83
C LEU C 39 -28.24 -19.48 11.31
N SER C 40 -28.46 -18.20 11.56
CA SER C 40 -29.59 -17.52 10.95
C SER C 40 -29.31 -17.29 9.46
N ASN C 41 -30.33 -16.82 8.74
CA ASN C 41 -30.17 -16.56 7.31
C ASN C 41 -29.09 -15.51 7.07
N GLU C 42 -29.09 -14.44 7.86
CA GLU C 42 -28.05 -13.43 7.73
C GLU C 42 -26.68 -14.00 8.05
N GLU C 43 -26.57 -14.78 9.12
CA GLU C 43 -25.29 -15.39 9.48
C GLU C 43 -24.86 -16.39 8.42
N ARG C 44 -25.81 -17.15 7.88
CA ARG C 44 -25.52 -18.08 6.79
C ARG C 44 -24.91 -17.34 5.59
N ASN C 45 -25.56 -16.25 5.16
CA ASN C 45 -25.06 -15.49 4.03
C ASN C 45 -23.71 -14.85 4.34
N LEU C 46 -23.50 -14.41 5.58
CA LEU C 46 -22.21 -13.85 5.97
C LEU C 46 -21.11 -14.89 5.81
N LEU C 47 -21.33 -16.10 6.35
CA LEU C 47 -20.34 -17.16 6.23
C LEU C 47 -20.04 -17.48 4.77
N SER C 48 -21.10 -17.64 3.96
CA SER C 48 -20.89 -18.02 2.57
C SER C 48 -20.17 -16.92 1.79
N VAL C 49 -20.51 -15.66 2.04
CA VAL C 49 -19.86 -14.56 1.34
C VAL C 49 -18.39 -14.46 1.74
N ALA C 50 -18.10 -14.59 3.05
CA ALA C 50 -16.72 -14.54 3.51
C ALA C 50 -15.88 -15.62 2.83
N TYR C 51 -16.32 -16.87 2.90
CA TYR C 51 -15.50 -17.94 2.35
C TYR C 51 -15.47 -17.90 0.82
N LYS C 52 -16.55 -17.42 0.19
CA LYS C 52 -16.54 -17.25 -1.25
C LYS C 52 -15.49 -16.23 -1.67
N ASN C 53 -15.40 -15.11 -0.96
CA ASN C 53 -14.41 -14.10 -1.32
C ASN C 53 -12.99 -14.61 -1.07
N VAL C 54 -12.77 -15.32 0.04
CA VAL C 54 -11.44 -15.87 0.31
C VAL C 54 -11.03 -16.83 -0.81
N VAL C 55 -11.83 -17.87 -1.02
CA VAL C 55 -11.48 -18.87 -2.03
C VAL C 55 -11.53 -18.27 -3.44
N GLY C 56 -12.23 -17.16 -3.65
CA GLY C 56 -12.28 -16.54 -4.95
C GLY C 56 -11.03 -15.75 -5.25
N ALA C 57 -10.50 -15.05 -4.25
CA ALA C 57 -9.16 -14.48 -4.40
C ALA C 57 -8.14 -15.58 -4.74
N ARG C 58 -8.22 -16.69 -4.00
CA ARG C 58 -7.31 -17.81 -4.29
C ARG C 58 -7.47 -18.31 -5.72
N ARG C 59 -8.72 -18.49 -6.16
CA ARG C 59 -8.98 -19.04 -7.49
C ARG C 59 -8.54 -18.07 -8.59
N SER C 60 -8.76 -16.78 -8.40
CA SER C 60 -8.34 -15.79 -9.40
C SER C 60 -6.82 -15.78 -9.53
N SER C 61 -6.12 -15.77 -8.40
CA SER C 61 -4.66 -15.84 -8.45
C SER C 61 -4.19 -17.11 -9.14
N TRP C 62 -4.81 -18.25 -8.79
CA TRP C 62 -4.41 -19.52 -9.39
C TRP C 62 -4.63 -19.51 -10.90
N ARG C 63 -5.74 -18.92 -11.37
CA ARG C 63 -6.00 -18.89 -12.80
C ARG C 63 -5.00 -18.01 -13.54
N VAL C 64 -4.68 -16.84 -12.96
CA VAL C 64 -3.67 -15.98 -13.58
C VAL C 64 -2.34 -16.72 -13.71
N ILE C 65 -1.91 -17.35 -12.61
CA ILE C 65 -0.60 -18.00 -12.63
C ILE C 65 -0.62 -19.24 -13.52
N SER C 66 -1.76 -19.92 -13.64
CA SER C 66 -1.84 -21.07 -14.53
C SER C 66 -1.77 -20.65 -16.00
N SER C 67 -2.41 -19.53 -16.34
CA SER C 67 -2.25 -18.98 -17.68
C SER C 67 -0.79 -18.69 -17.98
N ILE C 68 -0.12 -17.98 -17.08
CA ILE C 68 1.29 -17.66 -17.27
C ILE C 68 2.12 -18.94 -17.36
N GLU C 69 1.73 -19.97 -16.59
CA GLU C 69 2.48 -21.22 -16.59
C GLU C 69 2.34 -21.94 -17.92
N GLN C 70 1.14 -21.93 -18.51
CA GLN C 70 0.98 -22.55 -19.82
C GLN C 70 1.81 -21.83 -20.87
N LYS C 71 1.82 -20.49 -20.83
CA LYS C 71 2.65 -19.75 -21.77
C LYS C 71 4.14 -20.09 -21.60
N THR C 72 4.62 -20.05 -20.35
CA THR C 72 6.03 -20.35 -20.09
C THR C 72 6.38 -21.79 -20.43
N SER C 73 5.43 -22.71 -20.26
CA SER C 73 5.64 -24.10 -20.68
C SER C 73 5.82 -24.19 -22.19
N ALA C 74 4.99 -23.46 -22.94
CA ALA C 74 5.19 -23.39 -24.37
C ALA C 74 6.56 -22.81 -24.72
N ASP C 75 7.05 -21.86 -23.92
CA ASP C 75 8.35 -21.25 -24.22
C ASP C 75 9.51 -22.18 -23.90
N GLY C 76 9.41 -22.96 -22.83
CA GLY C 76 10.40 -23.98 -22.53
C GLY C 76 11.57 -23.55 -21.67
N ASN C 77 11.57 -22.33 -21.13
CA ASN C 77 12.66 -21.91 -20.25
C ASN C 77 12.53 -22.61 -18.90
N GLU C 78 13.56 -23.38 -18.53
CA GLU C 78 13.44 -24.29 -17.40
C GLU C 78 13.31 -23.55 -16.07
N LYS C 79 14.12 -22.50 -15.87
CA LYS C 79 14.13 -21.81 -14.58
C LYS C 79 12.82 -21.07 -14.35
N LYS C 80 12.38 -20.30 -15.34
CA LYS C 80 11.11 -19.61 -15.24
C LYS C 80 9.97 -20.59 -15.00
N ILE C 81 9.95 -21.70 -15.74
CA ILE C 81 8.90 -22.70 -15.57
C ILE C 81 8.91 -23.23 -14.14
N GLU C 82 10.10 -23.56 -13.62
CA GLU C 82 10.21 -24.08 -12.26
C GLU C 82 9.60 -23.11 -11.25
N MET C 83 9.99 -21.84 -11.32
CA MET C 83 9.51 -20.87 -10.34
C MET C 83 8.01 -20.62 -10.50
N VAL C 84 7.53 -20.51 -11.74
CA VAL C 84 6.10 -20.28 -11.96
C VAL C 84 5.29 -21.44 -11.41
N ARG C 85 5.74 -22.68 -11.66
CA ARG C 85 5.02 -23.84 -11.14
C ARG C 85 5.02 -23.87 -9.63
N ALA C 86 6.15 -23.53 -9.00
CA ALA C 86 6.20 -23.50 -7.54
C ALA C 86 5.22 -22.49 -6.96
N TYR C 87 5.16 -21.28 -7.56
CA TYR C 87 4.23 -20.28 -7.08
C TYR C 87 2.78 -20.73 -7.27
N ARG C 88 2.47 -21.31 -8.43
CA ARG C 88 1.13 -21.80 -8.68
C ARG C 88 0.73 -22.85 -7.67
N GLU C 89 1.67 -23.70 -7.26
CA GLU C 89 1.33 -24.74 -6.30
C GLU C 89 1.22 -24.21 -4.88
N LYS C 90 1.97 -23.16 -4.54
CA LYS C 90 1.74 -22.48 -3.27
C LYS C 90 0.31 -21.94 -3.20
N ILE C 91 -0.11 -21.23 -4.26
CA ILE C 91 -1.48 -20.72 -4.31
C ILE C 91 -2.48 -21.88 -4.27
N GLU C 92 -2.15 -22.98 -4.95
CA GLU C 92 -3.04 -24.14 -4.99
C GLU C 92 -3.24 -24.73 -3.61
N LYS C 93 -2.16 -24.85 -2.83
CA LYS C 93 -2.29 -25.42 -1.49
C LYS C 93 -3.04 -24.49 -0.55
N GLU C 94 -2.86 -23.17 -0.70
CA GLU C 94 -3.71 -22.25 0.04
C GLU C 94 -5.18 -22.47 -0.29
N LEU C 95 -5.49 -22.58 -1.58
CA LEU C 95 -6.87 -22.82 -2.02
C LEU C 95 -7.43 -24.10 -1.40
N GLU C 96 -6.64 -25.17 -1.44
CA GLU C 96 -7.11 -26.46 -0.93
C GLU C 96 -7.33 -26.41 0.58
N ALA C 97 -6.46 -25.70 1.29
CA ALA C 97 -6.65 -25.56 2.73
C ALA C 97 -7.94 -24.83 3.05
N VAL C 98 -8.22 -23.73 2.32
CA VAL C 98 -9.48 -23.02 2.53
C VAL C 98 -10.67 -23.92 2.24
N CYS C 99 -10.59 -24.69 1.15
CA CYS C 99 -11.69 -25.57 0.78
C CYS C 99 -11.94 -26.61 1.88
N GLN C 100 -10.88 -27.23 2.40
CA GLN C 100 -11.07 -28.24 3.44
C GLN C 100 -11.56 -27.63 4.74
N ASP C 101 -11.17 -26.39 5.05
CA ASP C 101 -11.75 -25.69 6.19
C ASP C 101 -13.26 -25.57 6.03
N VAL C 102 -13.71 -25.12 4.86
CA VAL C 102 -15.14 -24.99 4.60
C VAL C 102 -15.83 -26.34 4.73
N LEU C 103 -15.24 -27.38 4.14
CA LEU C 103 -15.88 -28.69 4.13
C LEU C 103 -15.97 -29.28 5.53
N SER C 104 -14.95 -29.05 6.35
CA SER C 104 -15.01 -29.49 7.74
C SER C 104 -16.10 -28.75 8.50
N LEU C 105 -16.19 -27.43 8.31
CA LEU C 105 -17.27 -26.67 8.94
C LEU C 105 -18.64 -27.21 8.54
N LEU C 106 -18.79 -27.60 7.27
CA LEU C 106 -20.08 -28.07 6.79
C LEU C 106 -20.41 -29.46 7.33
N ASP C 107 -19.43 -30.36 7.34
CA ASP C 107 -19.70 -31.73 7.74
C ASP C 107 -19.88 -31.85 9.25
N ASN C 108 -19.04 -31.18 10.03
CA ASN C 108 -19.05 -31.38 11.48
C ASN C 108 -20.03 -30.46 12.20
N TYR C 109 -20.38 -29.31 11.65
CA TYR C 109 -21.24 -28.36 12.33
C TYR C 109 -22.54 -28.06 11.59
N LEU C 110 -22.47 -27.66 10.32
CA LEU C 110 -23.61 -27.01 9.68
C LEU C 110 -24.63 -28.02 9.17
N ILE C 111 -24.21 -28.95 8.32
CA ILE C 111 -25.14 -29.97 7.81
C ILE C 111 -25.60 -30.87 8.95
N LYS C 112 -24.72 -31.13 9.92
CA LYS C 112 -25.02 -32.08 10.98
C LYS C 112 -26.19 -31.62 11.85
N ASN C 113 -26.35 -30.31 12.05
CA ASN C 113 -27.26 -29.78 13.06
C ASN C 113 -28.63 -29.40 12.51
N CYS C 114 -28.85 -29.51 11.19
CA CYS C 114 -30.15 -29.17 10.63
C CYS C 114 -31.18 -30.24 10.99
N SER C 115 -32.30 -29.80 11.57
CA SER C 115 -33.41 -30.71 11.78
C SER C 115 -34.02 -31.11 10.45
N GLU C 116 -34.87 -32.14 10.48
CA GLU C 116 -35.38 -32.72 9.24
C GLU C 116 -36.31 -31.79 8.48
N THR C 117 -36.95 -30.83 9.16
CA THR C 117 -37.80 -29.86 8.48
C THR C 117 -37.02 -28.65 7.99
N GLN C 118 -35.71 -28.61 8.20
CA GLN C 118 -34.88 -27.49 7.76
C GLN C 118 -34.33 -27.76 6.35
N TYR C 119 -35.26 -27.88 5.40
CA TYR C 119 -34.87 -28.20 4.03
C TYR C 119 -34.10 -27.06 3.39
N GLU C 120 -34.43 -25.81 3.74
CA GLU C 120 -33.72 -24.66 3.16
C GLU C 120 -32.26 -24.67 3.57
N SER C 121 -31.98 -24.87 4.85
CA SER C 121 -30.60 -24.92 5.32
C SER C 121 -29.88 -26.12 4.73
N LYS C 122 -30.57 -27.25 4.57
CA LYS C 122 -29.96 -28.42 3.94
C LYS C 122 -29.52 -28.10 2.52
N VAL C 123 -30.41 -27.48 1.74
CA VAL C 123 -30.08 -27.15 0.35
C VAL C 123 -28.92 -26.18 0.30
N PHE C 124 -28.96 -25.14 1.15
CA PHE C 124 -27.88 -24.15 1.19
C PHE C 124 -26.53 -24.82 1.48
N TYR C 125 -26.46 -25.60 2.56
CA TYR C 125 -25.20 -26.18 2.97
C TYR C 125 -24.71 -27.26 2.01
N LEU C 126 -25.63 -28.03 1.40
CA LEU C 126 -25.20 -29.03 0.43
C LEU C 126 -24.74 -28.38 -0.87
N LYS C 127 -25.35 -27.25 -1.25
CA LYS C 127 -24.83 -26.49 -2.38
C LYS C 127 -23.43 -25.98 -2.07
N MET C 128 -23.20 -25.54 -0.83
CA MET C 128 -21.86 -25.11 -0.44
C MET C 128 -20.86 -26.27 -0.54
N LYS C 129 -21.26 -27.45 -0.07
CA LYS C 129 -20.40 -28.63 -0.13
C LYS C 129 -20.04 -28.94 -1.58
N GLY C 130 -21.04 -28.97 -2.46
CA GLY C 130 -20.77 -29.22 -3.87
C GLY C 130 -19.88 -28.15 -4.49
N ASP C 131 -20.12 -26.88 -4.12
CA ASP C 131 -19.32 -25.78 -4.66
C ASP C 131 -17.85 -25.92 -4.29
N TYR C 132 -17.57 -26.24 -3.02
CA TYR C 132 -16.17 -26.29 -2.61
C TYR C 132 -15.49 -27.58 -3.06
N TYR C 133 -16.22 -28.69 -3.17
CA TYR C 133 -15.63 -29.86 -3.82
C TYR C 133 -15.36 -29.59 -5.30
N ARG C 134 -16.19 -28.77 -5.94
CA ARG C 134 -15.92 -28.39 -7.33
C ARG C 134 -14.70 -27.48 -7.43
N TYR C 135 -14.54 -26.56 -6.47
CA TYR C 135 -13.34 -25.74 -6.44
C TYR C 135 -12.10 -26.59 -6.24
N LEU C 136 -12.22 -27.66 -5.45
CA LEU C 136 -11.12 -28.62 -5.33
C LEU C 136 -10.86 -29.32 -6.66
N ALA C 137 -11.93 -29.73 -7.35
CA ALA C 137 -11.79 -30.41 -8.64
C ALA C 137 -11.19 -29.51 -9.71
N GLU C 138 -11.34 -28.19 -9.57
CA GLU C 138 -10.78 -27.27 -10.56
C GLU C 138 -9.27 -27.40 -10.68
N VAL C 139 -8.60 -27.78 -9.60
CA VAL C 139 -7.14 -27.85 -9.58
C VAL C 139 -6.61 -29.27 -9.49
N ALA C 140 -7.48 -30.27 -9.29
CA ALA C 140 -7.04 -31.63 -9.07
C ALA C 140 -6.81 -32.36 -10.39
N THR C 141 -5.96 -33.38 -10.33
CA THR C 141 -5.66 -34.23 -11.47
C THR C 141 -5.67 -35.69 -11.02
N GLY C 142 -5.63 -36.59 -11.99
CA GLY C 142 -5.50 -38.01 -11.67
C GLY C 142 -6.71 -38.55 -10.95
N GLU C 143 -6.45 -39.44 -9.98
CA GLU C 143 -7.54 -40.13 -9.28
C GLU C 143 -8.23 -39.22 -8.26
N LYS C 144 -7.49 -38.31 -7.63
CA LYS C 144 -8.12 -37.42 -6.66
C LYS C 144 -9.11 -36.48 -7.32
N ARG C 145 -8.87 -36.15 -8.59
CA ARG C 145 -9.87 -35.36 -9.32
C ARG C 145 -11.18 -36.11 -9.41
N ALA C 146 -11.13 -37.39 -9.79
CA ALA C 146 -12.35 -38.20 -9.82
C ALA C 146 -12.98 -38.30 -8.44
N THR C 147 -12.16 -38.41 -7.40
CA THR C 147 -12.66 -38.47 -6.03
C THR C 147 -13.52 -37.24 -5.72
N VAL C 148 -12.93 -36.05 -5.84
CA VAL C 148 -13.65 -34.84 -5.45
C VAL C 148 -14.76 -34.53 -6.45
N VAL C 149 -14.64 -34.97 -7.70
CA VAL C 149 -15.73 -34.81 -8.66
C VAL C 149 -16.94 -35.64 -8.22
N GLU C 150 -16.69 -36.88 -7.78
CA GLU C 150 -17.79 -37.71 -7.28
C GLU C 150 -18.41 -37.09 -6.03
N SER C 151 -17.59 -36.54 -5.13
CA SER C 151 -18.12 -35.91 -3.94
C SER C 151 -19.00 -34.70 -4.28
N SER C 152 -18.53 -33.86 -5.19
CA SER C 152 -19.31 -32.70 -5.61
C SER C 152 -20.60 -33.12 -6.28
N GLU C 153 -20.55 -34.18 -7.11
CA GLU C 153 -21.74 -34.68 -7.75
C GLU C 153 -22.76 -35.19 -6.72
N LYS C 154 -22.28 -35.92 -5.71
CA LYS C 154 -23.18 -36.43 -4.69
C LYS C 154 -23.86 -35.29 -3.91
N ALA C 155 -23.07 -34.30 -3.50
CA ALA C 155 -23.64 -33.18 -2.75
C ALA C 155 -24.65 -32.42 -3.60
N TYR C 156 -24.27 -32.09 -4.84
CA TYR C 156 -25.16 -31.37 -5.74
C TYR C 156 -26.45 -32.16 -5.99
N SER C 157 -26.35 -33.48 -6.15
CA SER C 157 -27.52 -34.30 -6.44
C SER C 157 -28.48 -34.31 -5.25
N GLU C 158 -27.94 -34.52 -4.04
CA GLU C 158 -28.78 -34.52 -2.85
C GLU C 158 -29.48 -33.19 -2.67
N ALA C 159 -28.73 -32.09 -2.81
CA ALA C 159 -29.32 -30.76 -2.68
C ALA C 159 -30.39 -30.53 -3.74
N HIS C 160 -30.12 -30.97 -4.97
CA HIS C 160 -31.06 -30.77 -6.07
C HIS C 160 -32.36 -31.51 -5.80
N GLU C 161 -32.27 -32.73 -5.27
CA GLU C 161 -33.51 -33.48 -5.02
C GLU C 161 -34.27 -32.94 -3.83
N ILE C 162 -33.60 -32.37 -2.83
CA ILE C 162 -34.34 -31.75 -1.73
C ILE C 162 -35.02 -30.46 -2.20
N SER C 163 -34.29 -29.62 -2.94
CA SER C 163 -34.87 -28.38 -3.46
C SER C 163 -35.93 -28.64 -4.53
N LYS C 164 -35.86 -29.79 -5.22
CA LYS C 164 -36.92 -30.18 -6.15
C LYS C 164 -38.26 -30.23 -5.45
N GLU C 165 -38.28 -30.71 -4.21
CA GLU C 165 -39.50 -31.06 -3.51
C GLU C 165 -39.97 -29.99 -2.54
N HIS C 166 -39.05 -29.32 -1.83
CA HIS C 166 -39.45 -28.46 -0.73
C HIS C 166 -39.14 -26.98 -0.95
N MET C 167 -38.78 -26.59 -2.16
CA MET C 167 -38.43 -25.20 -2.42
C MET C 167 -39.16 -24.69 -3.66
N GLN C 168 -39.35 -23.38 -3.69
CA GLN C 168 -40.03 -22.69 -4.78
C GLN C 168 -39.11 -22.63 -6.00
N PRO C 169 -39.65 -22.81 -7.21
CA PRO C 169 -38.82 -22.67 -8.41
C PRO C 169 -38.22 -21.29 -8.58
N THR C 170 -38.81 -20.27 -7.93
CA THR C 170 -38.31 -18.90 -8.00
C THR C 170 -37.31 -18.57 -6.90
N HIS C 171 -37.07 -19.49 -5.97
CA HIS C 171 -36.22 -19.17 -4.84
C HIS C 171 -34.76 -19.00 -5.28
N PRO C 172 -34.05 -18.01 -4.73
CA PRO C 172 -32.66 -17.80 -5.16
C PRO C 172 -31.74 -18.97 -4.84
N ILE C 173 -31.98 -19.69 -3.73
CA ILE C 173 -31.13 -20.82 -3.41
C ILE C 173 -31.30 -21.94 -4.44
N ARG C 174 -32.55 -22.25 -4.80
CA ARG C 174 -32.79 -23.28 -5.82
C ARG C 174 -32.20 -22.89 -7.16
N LEU C 175 -32.40 -21.64 -7.57
CA LEU C 175 -31.88 -21.18 -8.85
C LEU C 175 -30.35 -21.18 -8.86
N GLY C 176 -29.73 -20.75 -7.76
CA GLY C 176 -28.27 -20.77 -7.69
C GLY C 176 -27.72 -22.18 -7.68
N LEU C 177 -28.42 -23.11 -7.01
CA LEU C 177 -28.01 -24.51 -7.03
C LEU C 177 -28.10 -25.08 -8.44
N ALA C 178 -29.17 -24.76 -9.16
CA ALA C 178 -29.29 -25.22 -10.54
C ALA C 178 -28.18 -24.63 -11.41
N LEU C 179 -27.89 -23.34 -11.23
CA LEU C 179 -26.81 -22.70 -11.98
C LEU C 179 -25.48 -23.38 -11.73
N ASN C 180 -25.10 -23.53 -10.46
CA ASN C 180 -23.81 -24.14 -10.13
C ASN C 180 -23.76 -25.61 -10.54
N TYR C 181 -24.90 -26.31 -10.50
CA TYR C 181 -24.93 -27.71 -10.92
C TYR C 181 -24.72 -27.84 -12.43
N SER C 182 -25.37 -26.98 -13.21
CA SER C 182 -25.14 -26.98 -14.65
C SER C 182 -23.70 -26.59 -14.98
N VAL C 183 -23.15 -25.64 -14.23
CA VAL C 183 -21.74 -25.29 -14.44
C VAL C 183 -20.84 -26.46 -14.10
N PHE C 184 -21.20 -27.23 -13.07
CA PHE C 184 -20.44 -28.43 -12.74
C PHE C 184 -20.51 -29.45 -13.87
N TYR C 185 -21.69 -29.58 -14.49
CA TYR C 185 -21.83 -30.50 -15.62
C TYR C 185 -20.99 -30.04 -16.81
N TYR C 186 -20.93 -28.73 -17.05
CA TYR C 186 -20.29 -28.22 -18.25
C TYR C 186 -18.77 -28.11 -18.11
N GLU C 187 -18.30 -27.51 -17.03
CA GLU C 187 -16.88 -27.20 -16.88
C GLU C 187 -16.08 -28.31 -16.23
N ILE C 188 -16.72 -29.19 -15.46
CA ILE C 188 -16.00 -30.23 -14.73
C ILE C 188 -16.13 -31.55 -15.44
N GLN C 189 -17.37 -32.02 -15.66
CA GLN C 189 -17.59 -33.26 -16.37
C GLN C 189 -17.50 -33.10 -17.88
N ASN C 190 -17.55 -31.87 -18.38
CA ASN C 190 -17.51 -31.58 -19.82
C ASN C 190 -18.60 -32.36 -20.56
N ALA C 191 -19.81 -32.37 -19.98
CA ALA C 191 -20.98 -32.99 -20.58
C ALA C 191 -22.01 -31.88 -20.83
N PRO C 192 -21.85 -31.13 -21.92
CA PRO C 192 -22.63 -29.89 -22.08
C PRO C 192 -24.13 -30.12 -22.23
N GLU C 193 -24.56 -31.27 -22.72
CA GLU C 193 -26.00 -31.49 -22.93
C GLU C 193 -26.74 -31.56 -21.60
N GLN C 194 -26.18 -32.27 -20.61
CA GLN C 194 -26.74 -32.25 -19.27
C GLN C 194 -26.79 -30.84 -18.72
N ALA C 195 -25.72 -30.06 -18.92
CA ALA C 195 -25.64 -28.72 -18.38
C ALA C 195 -26.72 -27.82 -18.98
N CYS C 196 -26.96 -27.93 -20.28
CA CYS C 196 -27.98 -27.11 -20.92
C CYS C 196 -29.38 -27.58 -20.54
N HIS C 197 -29.60 -28.88 -20.45
CA HIS C 197 -30.90 -29.40 -20.06
C HIS C 197 -31.28 -28.93 -18.66
N LEU C 198 -30.34 -29.04 -17.71
CA LEU C 198 -30.62 -28.61 -16.35
C LEU C 198 -30.92 -27.11 -16.29
N ALA C 199 -30.10 -26.30 -16.97
CA ALA C 199 -30.27 -24.86 -16.91
C ALA C 199 -31.59 -24.43 -17.53
N LYS C 200 -31.96 -25.02 -18.68
CA LYS C 200 -33.23 -24.67 -19.29
C LYS C 200 -34.40 -25.17 -18.45
N THR C 201 -34.25 -26.33 -17.80
CA THR C 201 -35.30 -26.82 -16.92
C THR C 201 -35.55 -25.84 -15.78
N ALA C 202 -34.48 -25.35 -15.15
CA ALA C 202 -34.64 -24.37 -14.08
C ALA C 202 -35.23 -23.06 -14.60
N PHE C 203 -34.71 -22.57 -15.73
CA PHE C 203 -35.19 -21.33 -16.31
C PHE C 203 -36.69 -21.41 -16.64
N ASP C 204 -37.15 -22.57 -17.11
CA ASP C 204 -38.55 -22.73 -17.47
C ASP C 204 -39.44 -22.99 -16.26
N ASP C 205 -38.91 -23.66 -15.24
CA ASP C 205 -39.67 -23.76 -14.00
C ASP C 205 -39.79 -22.41 -13.31
N ALA C 206 -38.89 -21.48 -13.61
CA ALA C 206 -38.98 -20.16 -12.98
C ALA C 206 -39.99 -19.24 -13.67
N ILE C 207 -40.15 -19.36 -15.00
CA ILE C 207 -41.00 -18.40 -15.70
C ILE C 207 -42.48 -18.60 -15.35
N ALA C 208 -42.89 -19.83 -15.06
CA ALA C 208 -44.29 -20.09 -14.76
C ALA C 208 -44.71 -19.48 -13.43
N GLU C 209 -43.80 -19.40 -12.46
CA GLU C 209 -44.14 -18.98 -11.11
C GLU C 209 -44.01 -17.47 -10.89
N LEU C 210 -43.40 -16.74 -11.81
CA LEU C 210 -43.28 -15.30 -11.66
C LEU C 210 -44.54 -14.59 -12.15
N TYR C 218 -36.89 -9.24 -4.62
CA TYR C 218 -36.59 -10.50 -5.29
C TYR C 218 -35.54 -10.29 -6.39
N LYS C 219 -34.57 -9.42 -6.11
CA LYS C 219 -33.56 -9.07 -7.11
C LYS C 219 -32.56 -10.20 -7.31
N ASP C 220 -32.26 -10.97 -6.26
CA ASP C 220 -31.28 -12.05 -6.39
C ASP C 220 -31.76 -13.13 -7.35
N SER C 221 -33.05 -13.47 -7.29
CA SER C 221 -33.62 -14.44 -8.23
C SER C 221 -33.53 -13.93 -9.66
N THR C 222 -33.85 -12.65 -9.87
CA THR C 222 -33.72 -12.06 -11.20
C THR C 222 -32.28 -12.15 -11.71
N LEU C 223 -31.32 -11.83 -10.85
CA LEU C 223 -29.92 -11.84 -11.28
C LEU C 223 -29.45 -13.27 -11.57
N ILE C 224 -29.88 -14.24 -10.75
CA ILE C 224 -29.47 -15.63 -10.99
C ILE C 224 -30.09 -16.16 -12.28
N MET C 225 -31.33 -15.77 -12.57
CA MET C 225 -31.94 -16.17 -13.84
C MET C 225 -31.23 -15.53 -15.02
N GLN C 226 -30.83 -14.26 -14.87
CA GLN C 226 -30.05 -13.61 -15.92
C GLN C 226 -28.72 -14.33 -16.14
N LEU C 227 -28.10 -14.78 -15.05
CA LEU C 227 -26.85 -15.54 -15.16
C LEU C 227 -27.08 -16.87 -15.88
N LEU C 228 -28.18 -17.55 -15.55
CA LEU C 228 -28.52 -18.79 -16.26
C LEU C 228 -28.68 -18.55 -17.75
N ARG C 229 -29.42 -17.48 -18.11
CA ARG C 229 -29.61 -17.17 -19.52
C ARG C 229 -28.28 -16.88 -20.21
N ASP C 230 -27.42 -16.08 -19.57
CA ASP C 230 -26.13 -15.75 -20.16
C ASP C 230 -25.27 -17.00 -20.32
N ASN C 231 -25.36 -17.93 -19.36
CA ASN C 231 -24.65 -19.19 -19.48
C ASN C 231 -25.14 -19.97 -20.68
N LEU C 232 -26.45 -20.02 -20.89
CA LEU C 232 -26.99 -20.76 -22.03
C LEU C 232 -26.60 -20.12 -23.35
N THR C 233 -26.59 -18.79 -23.42
CA THR C 233 -26.16 -18.14 -24.66
C THR C 233 -24.67 -18.35 -24.92
N LEU C 234 -23.85 -18.30 -23.86
CA LEU C 234 -22.43 -18.52 -24.03
C LEU C 234 -22.09 -19.97 -24.38
N TRP C 235 -22.95 -20.91 -24.00
CA TRP C 235 -22.75 -22.31 -24.34
C TRP C 235 -23.34 -22.61 -25.71
N ARG D 6 42.41 -6.81 -5.84
CA ARG D 6 42.29 -6.32 -4.47
C ARG D 6 43.38 -6.91 -3.59
N GLU D 7 43.61 -8.21 -3.71
CA GLU D 7 44.67 -8.86 -2.93
C GLU D 7 46.03 -8.25 -3.26
N GLN D 8 46.25 -7.90 -4.53
CA GLN D 8 47.49 -7.25 -4.90
C GLN D 8 47.63 -5.89 -4.23
N LEU D 9 46.52 -5.15 -4.11
CA LEU D 9 46.58 -3.83 -3.49
C LEU D 9 46.89 -3.93 -1.99
N VAL D 10 46.28 -4.90 -1.31
CA VAL D 10 46.56 -5.10 0.11
C VAL D 10 48.00 -5.54 0.32
N GLN D 11 48.49 -6.46 -0.52
CA GLN D 11 49.88 -6.88 -0.39
C GLN D 11 50.84 -5.76 -0.76
N LYS D 12 50.43 -4.86 -1.65
CA LYS D 12 51.23 -3.67 -1.93
C LYS D 12 51.28 -2.74 -0.73
N ALA D 13 50.17 -2.64 0.00
CA ALA D 13 50.19 -1.88 1.25
C ALA D 13 51.14 -2.51 2.26
N ARG D 14 51.17 -3.84 2.33
CA ARG D 14 52.13 -4.51 3.20
C ARG D 14 53.57 -4.23 2.76
N LEU D 15 53.82 -4.25 1.45
CA LEU D 15 55.13 -3.92 0.91
C LEU D 15 55.54 -2.52 1.31
N ALA D 16 54.63 -1.55 1.15
CA ALA D 16 54.93 -0.17 1.50
C ALA D 16 55.16 -0.01 3.00
N GLU D 17 54.43 -0.77 3.83
CA GLU D 17 54.69 -0.78 5.25
C GLU D 17 56.11 -1.22 5.54
N GLN D 18 56.55 -2.31 4.90
CA GLN D 18 57.90 -2.79 5.13
C GLN D 18 58.95 -1.85 4.55
N ALA D 19 58.59 -1.07 3.54
CA ALA D 19 59.49 -0.09 2.95
C ALA D 19 59.37 1.29 3.60
N GLU D 20 58.52 1.42 4.61
CA GLU D 20 58.34 2.68 5.36
C GLU D 20 57.95 3.83 4.43
N ARG D 21 57.26 3.52 3.34
CA ARG D 21 56.70 4.52 2.44
C ARG D 21 55.22 4.67 2.75
N TYR D 22 54.94 5.41 3.82
CA TYR D 22 53.60 5.40 4.42
C TYR D 22 52.58 6.11 3.55
N ASP D 23 53.00 7.08 2.74
CA ASP D 23 52.08 7.67 1.76
C ASP D 23 51.57 6.60 0.79
N ASP D 24 52.47 5.73 0.32
CA ASP D 24 52.07 4.66 -0.59
C ASP D 24 51.06 3.71 0.07
N MET D 25 51.34 3.30 1.30
CA MET D 25 50.43 2.38 1.99
C MET D 25 49.08 3.03 2.24
N ALA D 26 49.08 4.31 2.60
CA ALA D 26 47.82 5.03 2.79
C ALA D 26 47.02 5.08 1.49
N ALA D 27 47.69 5.37 0.38
CA ALA D 27 47.00 5.42 -0.91
C ALA D 27 46.44 4.06 -1.29
N ALA D 28 47.22 2.99 -1.07
CA ALA D 28 46.76 1.65 -1.43
C ALA D 28 45.57 1.23 -0.57
N MET D 29 45.62 1.51 0.73
CA MET D 29 44.49 1.15 1.59
C MET D 29 43.27 2.01 1.29
N LYS D 30 43.47 3.27 0.90
CA LYS D 30 42.34 4.09 0.46
C LYS D 30 41.69 3.50 -0.79
N ASN D 31 42.51 3.02 -1.73
CA ASN D 31 41.97 2.35 -2.92
C ASN D 31 41.19 1.10 -2.53
N VAL D 32 41.76 0.28 -1.65
CA VAL D 32 41.06 -0.93 -1.18
C VAL D 32 39.73 -0.55 -0.54
N THR D 33 39.70 0.54 0.23
CA THR D 33 38.45 0.99 0.83
C THR D 33 37.45 1.43 -0.23
N GLU D 34 37.93 2.08 -1.29
CA GLU D 34 37.02 2.55 -2.34
C GLU D 34 36.42 1.42 -3.16
N LEU D 35 36.94 0.20 -3.04
CA LEU D 35 36.27 -0.95 -3.63
C LEU D 35 34.94 -1.26 -2.95
N ASN D 36 34.69 -0.66 -1.79
CA ASN D 36 33.44 -0.79 -1.05
C ASN D 36 33.11 -2.26 -0.76
N GLU D 37 34.04 -2.90 -0.05
CA GLU D 37 33.88 -4.21 0.53
C GLU D 37 34.40 -4.08 1.95
N PRO D 38 33.71 -4.67 2.93
CA PRO D 38 34.13 -4.51 4.33
C PRO D 38 35.57 -4.98 4.52
N LEU D 39 36.34 -4.20 5.27
CA LEU D 39 37.72 -4.52 5.54
C LEU D 39 37.83 -5.60 6.60
N SER D 40 38.76 -6.53 6.39
CA SER D 40 39.11 -7.46 7.45
C SER D 40 39.81 -6.71 8.59
N ASN D 41 40.05 -7.42 9.69
CA ASN D 41 40.75 -6.80 10.81
C ASN D 41 42.14 -6.36 10.42
N GLU D 42 42.85 -7.19 9.64
CA GLU D 42 44.20 -6.83 9.21
C GLU D 42 44.18 -5.68 8.21
N GLU D 43 43.19 -5.65 7.32
CA GLU D 43 43.07 -4.53 6.39
C GLU D 43 42.76 -3.23 7.14
N ARG D 44 41.86 -3.30 8.13
CA ARG D 44 41.60 -2.13 8.96
C ARG D 44 42.86 -1.66 9.66
N ASN D 45 43.63 -2.59 10.23
CA ASN D 45 44.86 -2.21 10.92
C ASN D 45 45.86 -1.60 9.97
N LEU D 46 45.98 -2.15 8.76
CA LEU D 46 46.85 -1.56 7.74
C LEU D 46 46.44 -0.13 7.44
N LEU D 47 45.14 0.10 7.21
CA LEU D 47 44.66 1.43 6.88
C LEU D 47 44.97 2.42 8.02
N SER D 48 44.64 2.03 9.25
CA SER D 48 44.81 2.96 10.36
C SER D 48 46.29 3.22 10.65
N VAL D 49 47.14 2.20 10.54
CA VAL D 49 48.58 2.38 10.73
C VAL D 49 49.14 3.31 9.67
N ALA D 50 48.76 3.08 8.41
CA ALA D 50 49.22 3.91 7.31
C ALA D 50 48.89 5.38 7.55
N TYR D 51 47.62 5.68 7.77
CA TYR D 51 47.23 7.07 7.92
C TYR D 51 47.71 7.65 9.24
N LYS D 52 47.88 6.82 10.27
CA LYS D 52 48.47 7.27 11.53
C LYS D 52 49.89 7.77 11.30
N ASN D 53 50.70 7.00 10.59
CA ASN D 53 52.07 7.44 10.30
C ASN D 53 52.07 8.68 9.42
N VAL D 54 51.22 8.70 8.39
CA VAL D 54 51.19 9.85 7.48
C VAL D 54 50.84 11.13 8.23
N VAL D 55 49.82 11.08 9.09
CA VAL D 55 49.43 12.27 9.83
C VAL D 55 50.41 12.57 10.95
N GLY D 56 51.10 11.55 11.47
CA GLY D 56 52.01 11.77 12.57
C GLY D 56 53.28 12.49 12.16
N ALA D 57 53.77 12.20 10.94
CA ALA D 57 54.89 12.96 10.42
C ALA D 57 54.57 14.45 10.38
N ARG D 58 53.37 14.79 9.87
CA ARG D 58 52.96 16.19 9.79
C ARG D 58 52.80 16.80 11.17
N ARG D 59 52.21 16.05 12.11
CA ARG D 59 52.03 16.57 13.46
C ARG D 59 53.36 16.88 14.12
N SER D 60 54.34 15.98 13.97
CA SER D 60 55.65 16.19 14.57
C SER D 60 56.34 17.41 13.96
N SER D 61 56.32 17.52 12.63
CA SER D 61 56.93 18.68 11.99
C SER D 61 56.28 19.97 12.47
N TRP D 62 54.95 20.00 12.54
CA TRP D 62 54.23 21.18 13.01
C TRP D 62 54.65 21.54 14.43
N ARG D 63 54.75 20.55 15.31
CA ARG D 63 55.16 20.81 16.69
C ARG D 63 56.53 21.47 16.73
N VAL D 64 57.50 20.89 16.02
CA VAL D 64 58.86 21.42 16.05
C VAL D 64 58.91 22.85 15.51
N ILE D 65 58.15 23.12 14.44
CA ILE D 65 58.26 24.45 13.87
C ILE D 65 57.53 25.50 14.72
N SER D 66 56.43 25.14 15.38
CA SER D 66 55.82 26.11 16.30
C SER D 66 56.75 26.40 17.48
N SER D 67 57.40 25.35 18.01
CA SER D 67 58.37 25.54 19.07
C SER D 67 59.50 26.46 18.63
N ILE D 68 59.93 26.33 17.37
CA ILE D 68 60.95 27.24 16.84
C ILE D 68 60.38 28.65 16.69
N GLU D 69 59.12 28.76 16.28
CA GLU D 69 58.52 30.06 16.03
C GLU D 69 58.51 30.92 17.28
N GLN D 70 58.10 30.34 18.42
CA GLN D 70 58.01 31.14 19.64
C GLN D 70 59.39 31.52 20.16
N LYS D 71 60.38 30.68 19.95
CA LYS D 71 61.74 31.00 20.37
C LYS D 71 62.36 32.06 19.48
N THR D 72 61.95 32.13 18.21
CA THR D 72 62.49 33.12 17.29
C THR D 72 61.72 34.44 17.30
N SER D 73 60.46 34.43 17.70
CA SER D 73 59.67 35.65 17.69
C SER D 73 60.13 36.61 18.78
N ALA D 74 60.70 36.08 19.86
CA ALA D 74 61.26 36.93 20.90
C ALA D 74 62.51 37.66 20.43
N ASP D 75 63.17 37.15 19.38
CA ASP D 75 64.39 37.78 18.88
C ASP D 75 64.11 38.94 17.94
N GLY D 76 62.90 39.02 17.38
CA GLY D 76 62.47 40.19 16.64
C GLY D 76 62.91 40.28 15.20
N ASN D 77 63.55 39.25 14.67
CA ASN D 77 63.92 39.23 13.25
C ASN D 77 62.66 38.99 12.44
N GLU D 78 62.09 40.06 11.88
CA GLU D 78 60.78 39.98 11.25
C GLU D 78 60.79 39.07 10.01
N LYS D 79 61.87 39.11 9.24
CA LYS D 79 61.95 38.28 8.03
C LYS D 79 61.94 36.80 8.40
N LYS D 80 62.79 36.42 9.36
CA LYS D 80 62.84 35.04 9.83
C LYS D 80 61.50 34.63 10.43
N ILE D 81 60.85 35.54 11.17
CA ILE D 81 59.57 35.25 11.80
C ILE D 81 58.52 34.93 10.74
N GLU D 82 58.44 35.78 9.71
CA GLU D 82 57.46 35.56 8.65
C GLU D 82 57.72 34.25 7.92
N MET D 83 58.99 33.94 7.63
CA MET D 83 59.32 32.71 6.93
C MET D 83 58.92 31.48 7.77
N VAL D 84 59.24 31.51 9.07
CA VAL D 84 58.90 30.40 9.94
C VAL D 84 57.38 30.22 10.02
N ARG D 85 56.64 31.33 10.11
CA ARG D 85 55.19 31.24 10.17
C ARG D 85 54.61 30.65 8.88
N ALA D 86 55.15 31.07 7.74
CA ALA D 86 54.67 30.54 6.46
C ALA D 86 54.91 29.03 6.36
N TYR D 87 56.06 28.56 6.86
CA TYR D 87 56.33 27.13 6.81
C TYR D 87 55.29 26.34 7.61
N ARG D 88 55.00 26.79 8.83
CA ARG D 88 53.99 26.12 9.64
C ARG D 88 52.61 26.21 9.00
N GLU D 89 52.32 27.30 8.29
CA GLU D 89 51.06 27.39 7.55
C GLU D 89 50.95 26.28 6.50
N LYS D 90 52.01 26.12 5.70
CA LYS D 90 52.03 25.06 4.70
C LYS D 90 51.84 23.68 5.33
N ILE D 91 52.50 23.45 6.47
CA ILE D 91 52.40 22.14 7.11
C ILE D 91 50.99 21.92 7.68
N GLU D 92 50.37 22.98 8.21
CA GLU D 92 48.99 22.87 8.68
C GLU D 92 48.05 22.52 7.53
N LYS D 93 48.24 23.17 6.38
CA LYS D 93 47.44 22.83 5.20
C LYS D 93 47.57 21.34 4.87
N GLU D 94 48.79 20.83 4.85
CA GLU D 94 49.00 19.42 4.56
C GLU D 94 48.30 18.53 5.59
N LEU D 95 48.46 18.85 6.87
CA LEU D 95 47.87 18.05 7.94
C LEU D 95 46.35 17.98 7.80
N GLU D 96 45.71 19.13 7.61
CA GLU D 96 44.27 19.16 7.47
C GLU D 96 43.81 18.44 6.20
N ALA D 97 44.62 18.48 5.14
CA ALA D 97 44.29 17.70 3.95
C ALA D 97 44.24 16.22 4.26
N VAL D 98 45.26 15.70 4.94
CA VAL D 98 45.25 14.28 5.31
C VAL D 98 44.04 13.96 6.18
N CYS D 99 43.78 14.82 7.18
CA CYS D 99 42.69 14.56 8.11
C CYS D 99 41.34 14.52 7.41
N GLN D 100 41.09 15.45 6.48
CA GLN D 100 39.83 15.43 5.77
C GLN D 100 39.75 14.24 4.82
N ASP D 101 40.87 13.84 4.21
CA ASP D 101 40.85 12.65 3.37
C ASP D 101 40.35 11.45 4.16
N VAL D 102 40.92 11.21 5.35
CA VAL D 102 40.49 10.05 6.13
C VAL D 102 39.07 10.24 6.66
N LEU D 103 38.71 11.47 7.04
CA LEU D 103 37.35 11.68 7.55
C LEU D 103 36.30 11.39 6.48
N SER D 104 36.61 11.74 5.22
CA SER D 104 35.70 11.43 4.13
C SER D 104 35.70 9.93 3.82
N LEU D 105 36.86 9.28 3.92
CA LEU D 105 36.87 7.82 3.78
C LEU D 105 36.03 7.14 4.85
N LEU D 106 35.96 7.74 6.05
CA LEU D 106 35.16 7.18 7.13
C LEU D 106 33.67 7.44 6.92
N ASP D 107 33.31 8.69 6.63
CA ASP D 107 31.91 9.06 6.51
C ASP D 107 31.28 8.47 5.25
N ASN D 108 32.05 8.28 4.19
CA ASN D 108 31.52 7.85 2.91
C ASN D 108 31.63 6.34 2.68
N TYR D 109 32.64 5.68 3.25
CA TYR D 109 32.76 4.23 3.09
C TYR D 109 32.70 3.49 4.42
N LEU D 110 33.62 3.77 5.34
CA LEU D 110 33.90 2.81 6.42
C LEU D 110 32.77 2.77 7.44
N ILE D 111 32.40 3.92 8.01
CA ILE D 111 31.32 3.93 8.99
C ILE D 111 30.00 3.56 8.35
N LYS D 112 29.74 4.08 7.14
CA LYS D 112 28.41 3.93 6.53
C LYS D 112 28.10 2.46 6.22
N ASN D 113 29.08 1.72 5.69
CA ASN D 113 28.86 0.33 5.32
C ASN D 113 28.75 -0.62 6.52
N CYS D 114 28.99 -0.13 7.73
CA CYS D 114 28.92 -1.00 8.90
C CYS D 114 27.48 -1.40 9.19
N SER D 115 27.27 -2.69 9.41
CA SER D 115 25.96 -3.18 9.80
C SER D 115 25.70 -2.84 11.27
N GLU D 116 24.48 -3.16 11.73
CA GLU D 116 24.17 -2.95 13.14
C GLU D 116 24.87 -3.97 14.03
N THR D 117 25.18 -5.15 13.49
CA THR D 117 25.81 -6.20 14.29
C THR D 117 27.32 -6.04 14.38
N GLN D 118 27.93 -5.25 13.51
CA GLN D 118 29.38 -5.07 13.50
C GLN D 118 29.78 -3.93 14.45
N TYR D 119 29.68 -4.24 15.74
CA TYR D 119 30.06 -3.26 16.76
C TYR D 119 31.55 -3.00 16.77
N GLU D 120 32.36 -4.02 16.49
CA GLU D 120 33.81 -3.87 16.57
C GLU D 120 34.33 -2.90 15.50
N SER D 121 33.97 -3.13 14.24
CA SER D 121 34.38 -2.22 13.18
C SER D 121 33.78 -0.84 13.37
N LYS D 122 32.55 -0.77 13.89
CA LYS D 122 31.94 0.52 14.16
C LYS D 122 32.75 1.32 15.17
N VAL D 123 33.15 0.67 16.28
CA VAL D 123 33.93 1.36 17.30
C VAL D 123 35.30 1.74 16.74
N PHE D 124 35.91 0.85 15.94
CA PHE D 124 37.18 1.16 15.29
C PHE D 124 37.08 2.43 14.46
N TYR D 125 36.10 2.49 13.56
CA TYR D 125 35.99 3.62 12.65
C TYR D 125 35.57 4.90 13.37
N LEU D 126 34.72 4.79 14.40
CA LEU D 126 34.32 5.98 15.14
C LEU D 126 35.47 6.51 15.99
N LYS D 127 36.31 5.62 16.52
CA LYS D 127 37.53 6.06 17.19
C LYS D 127 38.45 6.77 16.22
N MET D 128 38.57 6.24 14.99
CA MET D 128 39.36 6.93 13.98
C MET D 128 38.81 8.33 13.72
N LYS D 129 37.48 8.46 13.60
CA LYS D 129 36.86 9.76 13.40
C LYS D 129 37.21 10.72 14.52
N GLY D 130 37.06 10.26 15.77
CA GLY D 130 37.43 11.10 16.90
C GLY D 130 38.90 11.48 16.90
N ASP D 131 39.76 10.53 16.55
CA ASP D 131 41.20 10.78 16.51
C ASP D 131 41.55 11.88 15.52
N TYR D 132 41.01 11.78 14.30
CA TYR D 132 41.41 12.74 13.29
C TYR D 132 40.74 14.09 13.46
N TYR D 133 39.53 14.13 14.03
CA TYR D 133 38.98 15.43 14.41
C TYR D 133 39.77 16.05 15.56
N ARG D 134 40.31 15.22 16.47
CA ARG D 134 41.19 15.74 17.52
C ARG D 134 42.49 16.28 16.92
N TYR D 135 43.02 15.60 15.91
CA TYR D 135 44.21 16.10 15.22
C TYR D 135 43.92 17.44 14.56
N LEU D 136 42.74 17.59 13.97
CA LEU D 136 42.34 18.90 13.44
C LEU D 136 42.25 19.94 14.55
N ALA D 137 41.70 19.55 15.70
CA ALA D 137 41.59 20.48 16.83
C ALA D 137 42.95 20.89 17.38
N GLU D 138 43.96 20.03 17.22
CA GLU D 138 45.29 20.32 17.74
C GLU D 138 45.86 21.60 17.15
N VAL D 139 45.53 21.91 15.91
CA VAL D 139 46.05 23.08 15.23
C VAL D 139 45.00 24.18 15.05
N ALA D 140 43.71 23.88 15.19
CA ALA D 140 42.68 24.86 14.95
C ALA D 140 42.65 25.90 16.07
N THR D 141 42.01 27.02 15.79
CA THR D 141 41.89 28.10 16.77
C THR D 141 40.54 28.80 16.65
N LYS D 144 36.40 28.10 14.84
CA LYS D 144 36.85 27.04 13.94
C LYS D 144 37.25 25.79 14.73
N ARG D 145 37.94 25.99 15.85
CA ARG D 145 38.35 24.87 16.69
C ARG D 145 37.15 24.23 17.38
N ALA D 146 36.15 25.05 17.74
CA ALA D 146 35.02 24.57 18.52
C ALA D 146 34.26 23.45 17.80
N THR D 147 34.14 23.55 16.47
CA THR D 147 33.31 22.59 15.75
C THR D 147 34.01 21.24 15.54
N VAL D 148 35.33 21.25 15.32
CA VAL D 148 36.03 19.98 15.22
C VAL D 148 36.15 19.34 16.60
N VAL D 149 36.30 20.13 17.65
CA VAL D 149 36.20 19.61 19.01
C VAL D 149 34.83 18.96 19.22
N GLU D 150 33.77 19.67 18.78
CA GLU D 150 32.41 19.17 18.80
C GLU D 150 32.31 17.77 18.19
N SER D 151 32.78 17.65 16.94
CA SER D 151 32.58 16.41 16.20
C SER D 151 33.43 15.28 16.75
N SER D 152 34.64 15.57 17.21
CA SER D 152 35.44 14.51 17.83
C SER D 152 34.82 14.06 19.14
N GLU D 153 34.24 14.99 19.90
CA GLU D 153 33.49 14.64 21.10
C GLU D 153 32.34 13.69 20.77
N LYS D 154 31.55 14.05 19.75
CA LYS D 154 30.40 13.22 19.37
C LYS D 154 30.84 11.82 18.96
N ALA D 155 31.85 11.74 18.09
CA ALA D 155 32.32 10.44 17.63
C ALA D 155 32.89 9.60 18.77
N TYR D 156 33.70 10.22 19.63
CA TYR D 156 34.27 9.51 20.77
C TYR D 156 33.18 8.96 21.67
N SER D 157 32.14 9.77 21.95
CA SER D 157 31.11 9.32 22.88
C SER D 157 30.25 8.21 22.27
N GLU D 158 29.96 8.30 20.97
CA GLU D 158 29.21 7.22 20.32
C GLU D 158 30.00 5.92 20.36
N ALA D 159 31.28 5.98 19.98
CA ALA D 159 32.14 4.80 20.07
C ALA D 159 32.21 4.27 21.48
N HIS D 160 32.24 5.17 22.47
CA HIS D 160 32.30 4.76 23.87
C HIS D 160 31.05 4.01 24.29
N GLU D 161 29.88 4.49 23.87
CA GLU D 161 28.64 3.78 24.20
C GLU D 161 28.63 2.38 23.58
N ILE D 162 28.94 2.30 22.29
CA ILE D 162 28.93 0.99 21.63
C ILE D 162 29.95 0.05 22.28
N SER D 163 31.12 0.58 22.65
CA SER D 163 32.17 -0.24 23.25
C SER D 163 31.76 -0.73 24.64
N LYS D 164 31.26 0.17 25.48
CA LYS D 164 30.81 -0.24 26.82
C LYS D 164 29.68 -1.25 26.75
N GLU D 165 28.84 -1.17 25.72
CA GLU D 165 27.71 -2.09 25.65
C GLU D 165 28.09 -3.45 25.07
N HIS D 166 29.04 -3.51 24.12
CA HIS D 166 29.17 -4.70 23.30
C HIS D 166 30.54 -5.38 23.30
N MET D 167 31.54 -4.85 23.99
CA MET D 167 32.88 -5.42 23.91
C MET D 167 33.51 -5.55 25.29
N GLN D 168 34.38 -6.56 25.42
CA GLN D 168 35.02 -6.85 26.69
C GLN D 168 36.00 -5.73 27.07
N PRO D 169 36.15 -5.46 28.36
CA PRO D 169 37.02 -4.35 28.78
C PRO D 169 38.49 -4.55 28.43
N THR D 170 38.93 -5.77 28.15
CA THR D 170 40.31 -6.03 27.78
C THR D 170 40.53 -6.03 26.27
N HIS D 171 39.47 -5.83 25.47
CA HIS D 171 39.63 -5.79 24.03
C HIS D 171 40.52 -4.61 23.64
N PRO D 172 41.49 -4.80 22.75
CA PRO D 172 42.41 -3.69 22.41
C PRO D 172 41.71 -2.48 21.83
N ILE D 173 40.65 -2.66 21.04
CA ILE D 173 39.95 -1.52 20.45
C ILE D 173 39.27 -0.69 21.53
N ARG D 174 38.59 -1.35 22.47
CA ARG D 174 37.95 -0.63 23.56
C ARG D 174 38.97 0.10 24.42
N LEU D 175 40.07 -0.57 24.77
CA LEU D 175 41.10 0.05 25.59
C LEU D 175 41.72 1.25 24.88
N GLY D 176 42.03 1.12 23.59
CA GLY D 176 42.61 2.21 22.86
C GLY D 176 41.66 3.39 22.71
N LEU D 177 40.38 3.11 22.46
CA LEU D 177 39.39 4.18 22.41
C LEU D 177 39.31 4.91 23.73
N ALA D 178 39.27 4.16 24.84
CA ALA D 178 39.23 4.81 26.15
C ALA D 178 40.47 5.66 26.39
N LEU D 179 41.64 5.14 26.00
CA LEU D 179 42.89 5.88 26.13
C LEU D 179 42.82 7.21 25.39
N ASN D 180 42.53 7.15 24.08
CA ASN D 180 42.50 8.37 23.28
C ASN D 180 41.37 9.31 23.71
N TYR D 181 40.27 8.77 24.23
CA TYR D 181 39.16 9.62 24.68
C TYR D 181 39.53 10.35 25.96
N SER D 182 40.16 9.67 26.91
CA SER D 182 40.65 10.35 28.11
C SER D 182 41.71 11.39 27.76
N VAL D 183 42.56 11.09 26.77
CA VAL D 183 43.53 12.08 26.32
C VAL D 183 42.82 13.28 25.70
N PHE D 184 41.76 13.03 24.93
CA PHE D 184 40.96 14.13 24.39
C PHE D 184 40.41 15.01 25.51
N TYR D 185 39.91 14.37 26.58
CA TYR D 185 39.44 15.13 27.73
C TYR D 185 40.56 15.97 28.34
N TYR D 186 41.75 15.40 28.46
CA TYR D 186 42.83 16.09 29.15
C TYR D 186 43.39 17.24 28.32
N GLU D 187 43.84 16.95 27.10
CA GLU D 187 44.61 17.91 26.32
C GLU D 187 43.74 18.88 25.53
N ILE D 188 42.60 18.43 25.02
CA ILE D 188 41.75 19.28 24.19
C ILE D 188 40.77 20.09 25.03
N GLN D 189 40.02 19.42 25.90
CA GLN D 189 38.96 20.07 26.66
C GLN D 189 39.44 20.67 27.97
N ASN D 190 40.65 20.34 28.42
CA ASN D 190 41.19 20.82 29.70
C ASN D 190 40.25 20.43 30.84
N ALA D 191 39.83 19.16 30.84
CA ALA D 191 38.95 18.60 31.86
C ALA D 191 39.67 17.42 32.51
N PRO D 192 40.59 17.69 33.44
CA PRO D 192 41.39 16.58 34.00
C PRO D 192 40.59 15.57 34.78
N GLU D 193 39.59 16.01 35.55
CA GLU D 193 38.83 15.08 36.38
C GLU D 193 38.15 14.01 35.53
N GLN D 194 37.42 14.44 34.50
CA GLN D 194 36.76 13.50 33.60
C GLN D 194 37.77 12.60 32.89
N ALA D 195 38.90 13.17 32.49
CA ALA D 195 39.94 12.40 31.80
C ALA D 195 40.44 11.26 32.69
N CYS D 196 40.87 11.60 33.91
CA CYS D 196 41.36 10.57 34.82
C CYS D 196 40.28 9.58 35.19
N HIS D 197 39.03 10.03 35.33
CA HIS D 197 37.96 9.09 35.65
C HIS D 197 37.78 8.07 34.53
N LEU D 198 37.64 8.55 33.30
CA LEU D 198 37.49 7.63 32.16
C LEU D 198 38.65 6.66 32.09
N ALA D 199 39.88 7.19 32.15
CA ALA D 199 41.06 6.33 32.04
C ALA D 199 41.09 5.29 33.15
N LYS D 200 40.78 5.69 34.39
CA LYS D 200 40.93 4.77 35.51
C LYS D 200 39.83 3.71 35.51
N THR D 201 38.59 4.07 35.18
CA THR D 201 37.56 3.03 35.12
C THR D 201 37.81 2.07 33.95
N ALA D 202 38.32 2.57 32.82
CA ALA D 202 38.71 1.66 31.75
C ALA D 202 39.80 0.71 32.22
N PHE D 203 40.82 1.25 32.89
CA PHE D 203 41.92 0.43 33.38
C PHE D 203 41.46 -0.61 34.40
N ASP D 204 40.53 -0.21 35.29
CA ASP D 204 40.05 -1.13 36.31
C ASP D 204 39.15 -2.20 35.72
N ASP D 205 38.26 -1.82 34.80
CA ASP D 205 37.46 -2.82 34.10
C ASP D 205 38.34 -3.81 33.35
N ALA D 206 39.48 -3.34 32.83
CA ALA D 206 40.40 -4.23 32.14
C ALA D 206 41.08 -5.18 33.12
N ILE D 207 41.65 -4.65 34.21
CA ILE D 207 42.39 -5.50 35.13
C ILE D 207 41.47 -6.44 35.90
N ALA D 208 40.17 -6.12 36.01
CA ALA D 208 39.25 -6.99 36.72
C ALA D 208 39.07 -8.33 36.03
N GLU D 209 39.25 -8.37 34.71
CA GLU D 209 39.10 -9.58 33.92
C GLU D 209 40.38 -9.91 33.16
N LEU D 210 41.53 -9.74 33.82
CA LEU D 210 42.80 -10.02 33.17
C LEU D 210 42.95 -11.50 32.82
N ASP D 211 42.32 -12.38 33.60
CA ASP D 211 42.34 -13.81 33.28
C ASP D 211 41.57 -14.10 31.99
N THR D 212 40.67 -13.21 31.58
CA THR D 212 39.97 -13.36 30.30
C THR D 212 40.76 -12.67 29.21
N LEU D 213 41.86 -13.32 28.82
CA LEU D 213 42.76 -12.82 27.79
C LEU D 213 43.26 -14.00 26.96
N ASN D 214 42.95 -13.98 25.67
CA ASN D 214 43.37 -15.06 24.79
C ASN D 214 44.86 -14.97 24.50
N GLU D 215 45.41 -16.07 24.01
CA GLU D 215 46.82 -16.10 23.59
C GLU D 215 47.05 -15.36 22.30
N ASP D 216 46.00 -14.82 21.67
CA ASP D 216 46.14 -14.19 20.37
C ASP D 216 46.33 -12.68 20.44
N SER D 217 45.80 -12.03 21.47
CA SER D 217 45.88 -10.57 21.59
C SER D 217 46.23 -10.15 23.01
N TYR D 218 47.26 -10.77 23.59
CA TYR D 218 47.70 -10.36 24.93
C TYR D 218 48.54 -9.08 24.86
N LYS D 219 49.48 -9.01 23.92
CA LYS D 219 50.40 -7.88 23.86
C LYS D 219 49.65 -6.57 23.61
N ASP D 220 48.62 -6.61 22.75
CA ASP D 220 47.83 -5.41 22.48
C ASP D 220 47.26 -4.81 23.76
N SER D 221 46.45 -5.60 24.47
CA SER D 221 45.78 -5.10 25.66
C SER D 221 46.78 -4.72 26.74
N THR D 222 47.85 -5.50 26.89
CA THR D 222 48.84 -5.17 27.91
C THR D 222 49.52 -3.84 27.61
N LEU D 223 49.86 -3.60 26.33
CA LEU D 223 50.48 -2.33 25.96
C LEU D 223 49.53 -1.16 26.21
N ILE D 224 48.26 -1.31 25.83
CA ILE D 224 47.34 -0.19 25.98
C ILE D 224 47.04 0.08 27.47
N MET D 225 46.97 -0.98 28.28
CA MET D 225 46.80 -0.80 29.72
C MET D 225 48.00 -0.10 30.33
N GLN D 226 49.21 -0.48 29.88
CA GLN D 226 50.41 0.21 30.35
C GLN D 226 50.38 1.69 29.96
N LEU D 227 49.89 1.99 28.75
CA LEU D 227 49.79 3.39 28.34
C LEU D 227 48.79 4.15 29.21
N LEU D 228 47.67 3.51 29.55
CA LEU D 228 46.70 4.13 30.45
C LEU D 228 47.32 4.44 31.80
N ARG D 229 48.06 3.47 32.36
CA ARG D 229 48.73 3.68 33.64
C ARG D 229 49.75 4.80 33.55
N ASP D 230 50.49 4.87 32.43
CA ASP D 230 51.45 5.95 32.24
C ASP D 230 50.77 7.31 32.23
N ASN D 231 49.68 7.42 31.46
CA ASN D 231 48.98 8.71 31.36
C ASN D 231 48.40 9.12 32.71
N LEU D 232 47.89 8.15 33.48
CA LEU D 232 47.32 8.49 34.78
C LEU D 232 48.40 8.90 35.78
N THR D 233 49.54 8.21 35.76
CA THR D 233 50.67 8.62 36.60
C THR D 233 51.18 9.99 36.20
N LEU D 234 51.06 10.34 34.91
CA LEU D 234 51.45 11.67 34.47
C LEU D 234 50.46 12.74 34.95
N TRP D 235 49.17 12.42 34.94
CA TRP D 235 48.16 13.43 35.23
C TRP D 235 48.04 13.71 36.73
N THR D 236 48.41 12.77 37.58
CA THR D 236 48.34 13.00 39.02
C THR D 236 49.57 13.76 39.52
N ARG E 2 -12.17 15.24 0.92
CA ARG E 2 -11.46 13.98 0.74
C ARG E 2 -9.96 14.16 0.95
N ARG E 3 -9.25 13.05 1.05
CA ARG E 3 -7.82 13.10 1.32
C ARG E 3 -7.06 13.65 0.11
N SER E 4 -5.91 14.26 0.39
CA SER E 4 -5.04 14.76 -0.67
C SER E 4 -4.35 13.62 -1.39
N SER E 5 -3.97 13.88 -2.64
CA SER E 5 -3.37 12.86 -3.48
C SER E 5 -1.87 12.70 -3.23
N TPO E 6 -1.40 11.46 -3.23
CA TPO E 6 0.02 11.16 -3.10
CB TPO E 6 0.33 10.59 -1.72
CG2 TPO E 6 0.20 11.71 -0.67
OG1 TPO E 6 -0.59 9.52 -1.45
P TPO E 6 -0.11 8.69 -0.16
O1P TPO E 6 -0.66 7.18 -0.28
O2P TPO E 6 -0.65 9.29 1.08
O3P TPO E 6 1.50 8.65 -0.07
C TPO E 6 0.46 10.18 -4.19
O TPO E 6 -0.37 9.46 -4.74
N SER E 7 1.75 10.17 -4.50
CA SER E 7 2.29 9.26 -5.49
C SER E 7 3.68 8.78 -5.09
N ARG F 1 -9.71 7.12 -16.04
CA ARG F 1 -10.42 6.57 -14.89
C ARG F 1 -11.71 5.89 -15.33
N ARG F 2 -12.13 4.90 -14.55
CA ARG F 2 -13.37 4.18 -14.86
C ARG F 2 -14.59 5.06 -14.60
N ARG F 3 -15.68 4.74 -15.30
CA ARG F 3 -16.92 5.48 -15.15
C ARG F 3 -17.61 5.13 -13.83
N SER F 4 -18.14 6.15 -13.16
CA SER F 4 -18.73 5.96 -11.85
C SER F 4 -20.03 5.16 -11.95
N SER F 5 -20.42 4.57 -10.82
CA SER F 5 -21.60 3.71 -10.76
C SER F 5 -22.87 4.47 -10.43
N TPO F 6 -23.98 4.05 -11.03
CA TPO F 6 -25.30 4.60 -10.75
CB TPO F 6 -25.69 5.61 -11.82
CG2 TPO F 6 -25.00 6.95 -11.58
OG1 TPO F 6 -25.28 5.07 -13.09
P TPO F 6 -26.26 5.64 -14.23
O1P TPO F 6 -27.65 6.13 -13.59
O2P TPO F 6 -26.53 4.48 -15.32
O3P TPO F 6 -25.60 6.80 -14.89
C TPO F 6 -26.31 3.47 -10.69
O TPO F 6 -26.03 2.35 -11.10
N SER F 7 -27.50 3.77 -10.17
CA SER F 7 -28.58 2.78 -10.09
C SER F 7 -29.92 3.45 -9.88
N ARG G 2 -14.46 -18.38 -22.57
CA ARG G 2 -15.01 -17.71 -21.40
C ARG G 2 -15.41 -18.72 -20.32
N ARG G 3 -15.40 -18.27 -19.08
CA ARG G 3 -15.80 -19.10 -17.95
C ARG G 3 -17.27 -18.85 -17.61
N SER G 4 -17.97 -19.93 -17.28
CA SER G 4 -19.38 -19.81 -16.92
C SER G 4 -19.54 -19.07 -15.61
N SER G 5 -20.66 -18.38 -15.46
CA SER G 5 -20.96 -17.62 -14.26
C SER G 5 -21.64 -18.49 -13.20
N TPO G 6 -21.16 -18.36 -11.96
CA TPO G 6 -21.71 -19.08 -10.83
CB TPO G 6 -20.68 -20.01 -10.23
CG2 TPO G 6 -20.50 -21.21 -11.17
OG1 TPO G 6 -19.46 -19.28 -10.16
P TPO G 6 -18.49 -19.94 -9.05
O1P TPO G 6 -17.71 -21.05 -9.67
O2P TPO G 6 -17.46 -18.82 -8.54
O3P TPO G 6 -19.35 -20.50 -7.82
C TPO G 6 -22.21 -18.09 -9.79
O TPO G 6 -22.01 -16.88 -9.95
N SER G 7 -22.84 -18.59 -8.73
CA SER G 7 -23.30 -17.71 -7.66
C SER G 7 -23.46 -18.48 -6.35
N ARG H 3 53.83 15.08 26.60
CA ARG H 3 52.43 15.00 26.24
C ARG H 3 51.87 13.61 26.53
N SER H 4 50.54 13.52 26.60
CA SER H 4 49.90 12.25 26.88
C SER H 4 50.09 11.27 25.73
N SER H 5 50.14 9.99 26.07
CA SER H 5 50.30 8.93 25.07
C SER H 5 48.96 8.50 24.50
N TPO H 6 48.93 8.26 23.19
CA TPO H 6 47.72 7.82 22.50
CB TPO H 6 47.20 8.92 21.59
CG2 TPO H 6 46.47 9.97 22.42
OG1 TPO H 6 48.32 9.52 20.93
P TPO H 6 47.81 10.07 19.51
O1P TPO H 6 46.46 9.31 19.07
O2P TPO H 6 48.96 9.78 18.40
O3P TPO H 6 47.56 11.52 19.59
C TPO H 6 47.99 6.56 21.71
O TPO H 6 49.15 6.23 21.42
N SER H 7 46.94 5.85 21.34
CA SER H 7 47.06 4.65 20.52
C SER H 7 46.08 4.70 19.34
C1 FSC I . 6.04 5.71 -10.42
C4 FSC I . 4.79 6.04 -10.80
C11 FSC I . 4.43 6.97 -11.90
C18 FSC I . 4.16 8.34 -11.30
C17 FSC I . 3.20 6.41 -12.60
O24 FSC I . 3.13 7.07 -13.86
C31 FSC I . 2.28 6.49 -14.75
O37 FSC I . 1.64 5.49 -14.41
C36 FSC I . 2.21 7.14 -16.08
C10 FSC I . 3.76 5.39 -9.92
C6 FSC I . 4.58 4.37 -9.11
O13 FSC I . 4.14 4.27 -7.78
C2 FSC I . 5.99 5.03 -9.07
C7 FSC I . 6.96 3.87 -8.93
C5 FSC I . 6.09 6.00 -7.95
C12 FSC I . 6.77 7.12 -7.88
C20 FSC I . 7.25 7.54 -6.48
C27 FSC I . 8.13 6.50 -5.81
O32 FSC I . 8.57 7.08 -4.60
C38 FSC I . 9.36 6.20 -3.85
C26 FSC I . 8.01 8.85 -6.69
C25 FSC I . 7.66 9.35 -8.07
C19 FSC I . 7.36 8.09 -8.88
C15 FSC I . 8.39 7.76 -9.94
C23 FSC I . 9.57 6.95 -9.42
C9 FSC I . 7.84 7.24 -11.29
O16 FSC I . 8.86 7.35 -12.25
C3 FSC I . 7.23 5.78 -11.35
O8 FSC I . 6.94 5.29 -12.64
C14 FSC I . 7.83 4.34 -13.16
O22 FSC I . 7.55 3.11 -12.60
C30 FSC I . 6.21 2.67 -12.73
C33 FSC I . 5.80 2.57 -14.25
O39 FSC I . 4.42 2.44 -14.36
C28 FSC I . 6.13 3.92 -14.95
O34 FSC I . 5.93 3.75 -16.33
C40 FSC I . 5.59 4.87 -17.03
O43 FSC I . 5.27 5.89 -16.45
C42 FSC I . 5.64 4.74 -18.51
C21 FSC I . 7.61 4.28 -14.69
O29 FSC I . 7.87 5.51 -15.29
C35 FSC I . 6.10 1.25 -12.14
O41 FSC I . 5.55 0.36 -13.08
C44 FSC I . 5.86 -1.02 -12.81
C47 FSC I . 4.96 -1.95 -13.62
C46 FSC I . 5.74 -1.34 -11.31
C45 FSC I . 7.29 -1.23 -13.21
C48 FSC I . 8.15 -1.98 -12.54
C1 FSC J . -26.53 -14.33 -2.57
C4 FSC J . -26.26 -13.51 -3.61
C11 FSC J . -27.26 -12.91 -4.53
C18 FSC J . -27.34 -13.77 -5.77
C17 FSC J . -26.84 -11.48 -4.82
O24 FSC J . -28.01 -10.80 -5.25
C31 FSC J . -27.85 -9.46 -5.47
O37 FSC J . -26.84 -8.91 -5.07
C36 FSC J . -28.96 -8.81 -6.20
C10 FSC J . -24.79 -13.46 -3.88
C6 FSC J . -24.15 -14.21 -2.68
O13 FSC J . -23.10 -15.03 -3.06
C2 FSC J . -25.31 -15.15 -2.23
C7 FSC J . -25.09 -15.34 -0.74
C5 FSC J . -25.28 -16.43 -2.98
C12 FSC J . -26.26 -17.27 -3.20
C20 FSC J . -25.91 -18.76 -3.17
C27 FSC J . -25.24 -19.19 -1.87
O32 FSC J . -24.79 -20.52 -2.07
C38 FSC J . -24.95 -21.32 -0.93
C26 FSC J . -27.23 -19.49 -3.39
C25 FSC J . -28.16 -18.48 -4.03
C19 FSC J . -27.75 -17.13 -3.40
C15 FSC J . -28.76 -16.58 -2.39
C23 FSC J . -28.68 -17.22 -1.01
C9 FSC J . -28.93 -15.03 -2.34
O16 FSC J . -30.14 -14.75 -1.68
C3 FSC J . -27.77 -14.15 -1.72
O8 FSC J . -28.08 -12.79 -1.51
C14 FSC J . -28.36 -12.42 -0.19
O22 FSC J . -27.16 -12.01 0.43
C30 FSC J . -26.53 -10.87 -0.13
C33 FSC J . -27.51 -9.64 -0.15
O39 FSC J . -26.95 -8.59 -0.87
C28 FSC J . -28.76 -10.07 -0.93
O34 FSC J . -29.66 -8.99 -0.91
C40 FSC J . -30.12 -8.60 -2.12
O43 FSC J . -30.00 -9.33 -3.10
C42 FSC J . -30.78 -7.27 -2.16
C21 FSC J . -29.38 -11.26 -0.19
O29 FSC J . -30.55 -11.60 -0.88
C35 FSC J . -25.36 -10.44 0.78
O41 FSC J . -25.78 -9.43 1.67
C44 FSC J . -25.00 -9.34 2.86
C47 FSC J . -25.47 -8.18 3.74
C46 FSC J . -23.51 -9.20 2.54
C45 FSC J . -25.21 -10.64 3.61
C48 FSC J . -24.22 -11.41 4.04
C1 FSC K . 47.06 -1.72 17.00
C4 FSC K . 48.16 -1.52 17.75
C11 FSC K . 48.52 -2.26 18.98
C18 FSC K . 48.72 -1.25 20.10
C17 FSC K . 49.77 -3.06 18.69
O24 FSC K . 50.55 -3.04 19.87
C31 FSC K . 51.54 -3.96 19.93
O37 FSC K . 52.34 -4.03 18.99
C36 FSC K . 51.56 -4.83 21.13
C10 FSC K . 48.88 -0.28 17.31
C6 FSC K . 48.24 0.05 15.95
O13 FSC K . 48.12 1.42 15.72
C2 FSC K . 46.80 -0.50 16.15
C7 FSC K . 46.29 -0.81 14.75
C5 FSC K . 45.96 0.49 16.86
C12 FSC K . 44.90 0.29 17.63
C20 FSC K . 43.83 1.39 17.66
C27 FSC K . 43.33 1.76 16.27
O32 FSC K . 42.38 2.79 16.46
C38 FSC K . 41.40 2.79 15.46
C26 FSC K . 42.71 0.84 18.51
C25 FSC K . 43.33 -0.23 19.38
C19 FSC K . 44.42 -0.86 18.49
C15 FSC K . 44.13 -2.27 18.01
C23 FSC K . 43.27 -2.31 16.75
C9 FSC K . 45.32 -3.26 17.99
O16 FSC K . 44.79 -4.55 17.95
C3 FSC K . 46.41 -3.09 16.85
O8 FSC K . 47.34 -4.14 16.74
C14 FSC K . 47.09 -5.07 15.72
O22 FSC K . 47.61 -4.60 14.53
C30 FSC K . 49.04 -4.53 14.37
C33 FSC K . 49.94 -5.46 15.33
O39 FSC K . 50.93 -4.67 15.94
C28 FSC K . 49.15 -6.12 16.49
O34 FSC K . 49.79 -7.35 16.78
C40 FSC K . 51.00 -7.28 17.39
O43 FSC K . 51.16 -6.58 18.37
C42 FSC K . 52.08 -8.09 16.76
C21 FSC K . 47.73 -6.41 16.05
O29 FSC K . 47.10 -7.05 17.12
C35 FSC K . 49.37 -5.08 12.98
O41 FSC K . 49.73 -4.04 12.12
C44 FSC K . 50.23 -4.51 10.88
C47 FSC K . 51.55 -5.26 11.06
C46 FSC K . 50.40 -3.36 9.89
C45 FSC K . 49.19 -5.46 10.32
C48 FSC K . 48.08 -5.06 9.71
#